data_5C9W
#
_entry.id   5C9W
#
_cell.length_a   78.206
_cell.length_b   78.206
_cell.length_c   223.815
_cell.angle_alpha   90.00
_cell.angle_beta   90.00
_cell.angle_gamma   90.00
#
_symmetry.space_group_name_H-M   'P 43 21 2'
#
loop_
_entity.id
_entity.type
_entity.pdbx_description
1 polymer 'Malate synthase G'
2 non-polymer 'MAGNESIUM ION'
3 non-polymer (2E)-N-(2-bromophenyl)-2-(hydroxyimino)acetamide
4 water water
#
_entity_poly.entity_id   1
_entity_poly.type   'polypeptide(L)'
_entity_poly.pdbx_seq_one_letter_code
;MTDRVSVGNLRIARVLYDFVNNEALPGTDIDPDSFWAGVDKVVADLTPQNQALLNARDELQAQIDKWHRRRVIEPIDMDA
YRQFLTEIGYLLPEPDDFTITTSGVDAEITTTAGPQLVVPVLNARFALNAANARWGSLYDALYGTDVIPETDGAEKGPTY
NKVRGDKVIAYARKFLDDSVPLSSGSFGDATGFTVQDGQLVVALPDKSTGLANPGQFAGYTGAAESPTSVLLINHGLHIE
ILIDPESQVGTTDRAGVKDVILESAITTIMDFEDSVAAVDAADKVLGYRNWLGLNKGDLAAAVDKDGTAFLRVLNRDRNY
TAPGGGQFTLPGRSLMFVRNVGHLMTNDAIVDTDGSEVFEGIMDALFTGLIAIHGLKASDVNGPLINSRTGSIYIVKPKM
HGPAEVAFTCELFSRVEDVLGLPQNTMKIGIMDEERRTTVNLKACIKAAADRVVFINTGFLDRTGDEIHTSMEAGPMVRK
GTMKSQPWILAYEDHNVDAGLAAGFSGRAQVGKGMWTMTELMADMVETKIAQPRAGASTAWVPSPTAATLHALHYHQVDV
AAVQQGLAGKRRATIEQLLTIPLAKELAWAPDEIREEVDNNCQSILGYVVRWVDQGVGASKVPDIHDVALMEDRATLRIS
SQLLANWLRHGVITSADVRASLERMAPLVDRQNAGDVAYRPMAPNFDDSIAFLAAQELILSGAQQPNGYTEPILHRRRRE
FKARAAEKPAPSDRAGDDAAR
;
_entity_poly.pdbx_strand_id   A
#
loop_
_chem_comp.id
_chem_comp.type
_chem_comp.name
_chem_comp.formula
4Z3 non-polymer (2E)-N-(2-bromophenyl)-2-(hydroxyimino)acetamide 'C8 H7 Br N2 O2'
MG non-polymer 'MAGNESIUM ION' 'Mg 2'
#
# COMPACT_ATOMS: atom_id res chain seq x y z
N THR A 2 -16.26 -30.84 -17.12
CA THR A 2 -14.96 -30.70 -16.51
C THR A 2 -15.05 -30.70 -14.98
N ASP A 3 -14.19 -29.91 -14.35
CA ASP A 3 -14.10 -29.85 -12.89
C ASP A 3 -14.68 -28.52 -12.41
N ARG A 4 -15.84 -28.16 -12.95
CA ARG A 4 -16.47 -26.89 -12.60
C ARG A 4 -17.88 -27.14 -12.10
N VAL A 5 -18.40 -26.19 -11.31
CA VAL A 5 -19.73 -26.31 -10.75
C VAL A 5 -20.65 -25.33 -11.50
N SER A 6 -21.82 -25.81 -11.92
CA SER A 6 -22.77 -24.97 -12.64
C SER A 6 -23.71 -24.22 -11.69
N VAL A 7 -23.69 -22.89 -11.76
CA VAL A 7 -24.63 -22.06 -11.01
C VAL A 7 -25.19 -21.02 -11.97
N GLY A 8 -26.40 -21.27 -12.45
CA GLY A 8 -27.00 -20.42 -13.48
C GLY A 8 -26.13 -20.37 -14.72
N ASN A 9 -25.67 -19.18 -15.06
CA ASN A 9 -24.83 -19.01 -16.24
C ASN A 9 -23.32 -19.21 -15.98
N LEU A 10 -22.97 -19.44 -14.72
CA LEU A 10 -21.56 -19.52 -14.35
C LEU A 10 -21.07 -20.97 -14.23
N ARG A 11 -19.79 -21.15 -14.54
CA ARG A 11 -19.10 -22.42 -14.33
C ARG A 11 -17.90 -22.17 -13.41
N ILE A 12 -18.08 -22.51 -12.13
CA ILE A 12 -17.13 -22.16 -11.08
C ILE A 12 -16.09 -23.25 -10.83
N ALA A 13 -14.82 -22.87 -10.81
CA ALA A 13 -13.75 -23.81 -10.47
C ALA A 13 -14.10 -24.52 -9.17
N ARG A 14 -13.96 -25.85 -9.18
CA ARG A 14 -14.34 -26.65 -8.03
C ARG A 14 -13.62 -26.23 -6.75
N VAL A 15 -12.33 -25.92 -6.87
CA VAL A 15 -11.53 -25.57 -5.69
C VAL A 15 -12.07 -24.31 -5.02
N LEU A 16 -12.50 -23.34 -5.83
CA LEU A 16 -13.16 -22.14 -5.32
C LEU A 16 -14.52 -22.44 -4.70
N TYR A 17 -15.32 -23.26 -5.38
CA TYR A 17 -16.66 -23.61 -4.88
C TYR A 17 -16.57 -24.28 -3.51
N ASP A 18 -15.70 -25.27 -3.39
CA ASP A 18 -15.49 -25.98 -2.14
C ASP A 18 -14.96 -25.06 -1.04
N PHE A 19 -13.94 -24.27 -1.38
CA PHE A 19 -13.44 -23.31 -0.39
C PHE A 19 -14.56 -22.43 0.13
N VAL A 20 -15.36 -21.87 -0.76
CA VAL A 20 -16.44 -20.98 -0.30
C VAL A 20 -17.47 -21.73 0.55
N ASN A 21 -17.86 -22.93 0.12
CA ASN A 21 -18.87 -23.70 0.87
C ASN A 21 -18.40 -24.20 2.22
N ASN A 22 -17.19 -24.75 2.24
CA ASN A 22 -16.68 -25.42 3.43
C ASN A 22 -15.96 -24.51 4.40
N GLU A 23 -15.51 -23.36 3.92
CA GLU A 23 -14.63 -22.51 4.75
C GLU A 23 -15.19 -21.13 4.97
N ALA A 24 -15.62 -20.48 3.89
CA ALA A 24 -16.00 -19.08 3.94
C ALA A 24 -17.43 -18.84 4.43
N LEU A 25 -18.35 -19.70 4.02
CA LEU A 25 -19.77 -19.52 4.35
C LEU A 25 -20.21 -19.90 5.78
N PRO A 26 -19.71 -21.04 6.29
CA PRO A 26 -20.16 -21.44 7.65
C PRO A 26 -19.83 -20.41 8.71
N GLY A 27 -20.82 -19.97 9.46
CA GLY A 27 -20.61 -19.00 10.51
C GLY A 27 -21.08 -17.62 10.14
N THR A 28 -21.44 -17.44 8.88
CA THR A 28 -21.90 -16.14 8.41
C THR A 28 -23.41 -16.03 8.48
N ASP A 29 -24.08 -17.17 8.63
CA ASP A 29 -25.54 -17.25 8.57
C ASP A 29 -26.07 -16.70 7.23
N ILE A 30 -25.36 -16.99 6.15
CA ILE A 30 -25.87 -16.73 4.81
C ILE A 30 -26.20 -18.04 4.14
N ASP A 31 -27.42 -18.17 3.63
CA ASP A 31 -27.82 -19.39 2.94
C ASP A 31 -26.94 -19.59 1.71
N PRO A 32 -26.21 -20.71 1.64
CA PRO A 32 -25.29 -20.98 0.53
C PRO A 32 -25.95 -20.85 -0.85
N ASP A 33 -27.10 -21.49 -1.02
CA ASP A 33 -27.87 -21.40 -2.26
C ASP A 33 -28.10 -19.95 -2.65
N SER A 34 -28.49 -19.13 -1.66
CA SER A 34 -28.78 -17.72 -1.89
C SER A 34 -27.54 -16.92 -2.26
N PHE A 35 -26.39 -17.30 -1.69
CA PHE A 35 -25.15 -16.62 -1.99
C PHE A 35 -24.77 -16.83 -3.43
N TRP A 36 -24.85 -18.09 -3.87
CA TRP A 36 -24.41 -18.47 -5.20
C TRP A 36 -25.33 -17.94 -6.28
N ALA A 37 -26.63 -17.92 -5.99
CA ALA A 37 -27.58 -17.26 -6.90
C ALA A 37 -27.27 -15.77 -7.00
N GLY A 38 -26.78 -15.20 -5.90
CA GLY A 38 -26.43 -13.79 -5.87
C GLY A 38 -25.18 -13.52 -6.70
N VAL A 39 -24.19 -14.39 -6.59
CA VAL A 39 -22.98 -14.33 -7.41
C VAL A 39 -23.34 -14.29 -8.89
N ASP A 40 -24.15 -15.25 -9.31
CA ASP A 40 -24.60 -15.33 -10.69
C ASP A 40 -25.36 -14.07 -11.15
N LYS A 41 -26.28 -13.59 -10.31
CA LYS A 41 -27.08 -12.41 -10.66
C LYS A 41 -26.26 -11.12 -10.73
N VAL A 42 -25.43 -10.88 -9.70
CA VAL A 42 -24.54 -9.71 -9.68
C VAL A 42 -23.60 -9.73 -10.89
N VAL A 43 -23.01 -10.88 -11.17
CA VAL A 43 -22.15 -10.99 -12.34
C VAL A 43 -22.92 -10.69 -13.62
N ALA A 44 -24.12 -11.25 -13.76
CA ALA A 44 -24.91 -11.05 -14.98
C ALA A 44 -25.30 -9.57 -15.13
N ASP A 45 -25.73 -8.97 -14.02
CA ASP A 45 -26.21 -7.59 -14.06
C ASP A 45 -25.12 -6.54 -14.30
N LEU A 46 -23.93 -6.73 -13.73
CA LEU A 46 -22.94 -5.64 -13.71
C LEU A 46 -21.82 -5.79 -14.72
N THR A 47 -21.64 -7.01 -15.22
CA THR A 47 -20.67 -7.28 -16.28
C THR A 47 -20.79 -6.33 -17.49
N PRO A 48 -22.01 -6.06 -17.97
CA PRO A 48 -22.09 -5.13 -19.11
C PRO A 48 -21.58 -3.71 -18.85
N GLN A 49 -21.94 -3.16 -17.69
CA GLN A 49 -21.31 -1.87 -17.46
CA GLN A 49 -21.26 -1.88 -17.47
C GLN A 49 -19.73 -1.72 -17.08
N ASN A 50 -19.38 -2.89 -16.55
CA ASN A 50 -17.94 -3.09 -16.36
C ASN A 50 -17.21 -3.00 -17.71
N GLN A 51 -17.75 -3.69 -18.71
CA GLN A 51 -17.14 -3.72 -20.04
C GLN A 51 -17.24 -2.35 -20.73
N ALA A 52 -18.39 -1.71 -20.57
CA ALA A 52 -18.66 -0.39 -21.14
C ALA A 52 -17.66 0.64 -20.61
N LEU A 53 -17.38 0.57 -19.31
CA LEU A 53 -16.37 1.42 -18.71
C LEU A 53 -14.98 1.22 -19.33
N LEU A 54 -14.56 -0.04 -19.49
CA LEU A 54 -13.27 -0.35 -20.11
C LEU A 54 -13.19 0.11 -21.57
N ASN A 55 -14.26 -0.07 -22.33
CA ASN A 55 -14.31 0.45 -23.70
C ASN A 55 -14.18 1.97 -23.72
N ALA A 56 -14.82 2.64 -22.77
CA ALA A 56 -14.72 4.10 -22.66
C ALA A 56 -13.27 4.56 -22.44
N ARG A 57 -12.51 3.82 -21.64
CA ARG A 57 -11.11 4.16 -21.45
C ARG A 57 -10.42 4.18 -22.80
N ASP A 58 -10.62 3.12 -23.57
CA ASP A 58 -9.95 2.94 -24.86
C ASP A 58 -10.33 4.06 -25.83
N GLU A 59 -11.61 4.42 -25.85
CA GLU A 59 -12.08 5.48 -26.73
C GLU A 59 -11.47 6.84 -26.35
N LEU A 60 -11.37 7.14 -25.06
CA LEU A 60 -10.70 8.38 -24.66
C LEU A 60 -9.22 8.38 -25.07
N GLN A 61 -8.53 7.27 -24.81
CA GLN A 61 -7.13 7.19 -25.18
C GLN A 61 -6.87 7.35 -26.70
N ALA A 62 -7.72 6.74 -27.52
CA ALA A 62 -7.58 6.84 -28.97
C ALA A 62 -7.69 8.30 -29.43
N GLN A 63 -8.63 9.02 -28.85
CA GLN A 63 -8.85 10.43 -29.18
C GLN A 63 -7.66 11.30 -28.79
N ILE A 64 -7.06 11.01 -27.64
CA ILE A 64 -5.88 11.73 -27.18
C ILE A 64 -4.65 11.39 -28.01
N ASP A 65 -4.50 10.09 -28.30
CA ASP A 65 -3.42 9.64 -29.16
C ASP A 65 -3.44 10.46 -30.46
N LYS A 66 -4.64 10.62 -31.01
CA LYS A 66 -4.83 11.27 -32.31
C LYS A 66 -4.66 12.78 -32.22
N TRP A 67 -5.02 13.36 -31.08
CA TRP A 67 -4.81 14.77 -30.81
C TRP A 67 -3.32 15.15 -30.92
N HIS A 68 -2.46 14.34 -30.30
CA HIS A 68 -1.01 14.58 -30.33
C HIS A 68 -0.41 14.33 -31.72
N ARG A 69 -0.86 13.27 -32.38
CA ARG A 69 -0.35 12.89 -33.71
C ARG A 69 -0.60 13.95 -34.78
N ARG A 70 -1.65 14.75 -34.63
CA ARG A 70 -1.99 15.72 -35.66
C ARG A 70 -1.39 17.08 -35.36
N ARG A 71 -0.68 17.15 -34.23
CA ARG A 71 -0.06 18.39 -33.77
C ARG A 71 1.46 18.40 -33.99
N VAL A 72 1.98 19.58 -34.35
CA VAL A 72 3.41 19.80 -34.53
C VAL A 72 3.94 20.82 -33.52
N ILE A 73 3.09 21.78 -33.15
CA ILE A 73 3.43 22.84 -32.19
C ILE A 73 3.87 22.27 -30.85
N PRO A 75 5.45 23.07 -28.03
CA PRO A 75 4.90 23.34 -26.69
C PRO A 75 3.37 23.35 -26.69
N ILE A 76 2.78 22.54 -25.81
CA ILE A 76 1.32 22.42 -25.74
C ILE A 76 0.60 23.72 -25.41
N ASP A 77 -0.42 24.03 -26.20
CA ASP A 77 -1.34 25.11 -25.87
C ASP A 77 -2.32 24.61 -24.81
N MET A 78 -2.10 25.02 -23.56
CA MET A 78 -2.86 24.46 -22.45
C MET A 78 -4.35 24.71 -22.57
N ASP A 79 -4.73 25.91 -22.97
CA ASP A 79 -6.14 26.27 -23.15
C ASP A 79 -6.85 25.34 -24.14
N ALA A 80 -6.14 24.99 -25.20
CA ALA A 80 -6.70 24.15 -26.25
C ALA A 80 -6.81 22.71 -25.77
N TYR A 81 -5.73 22.24 -25.14
CA TYR A 81 -5.65 20.88 -24.65
C TYR A 81 -6.75 20.62 -23.63
N ARG A 82 -6.94 21.56 -22.70
CA ARG A 82 -8.04 21.49 -21.74
C ARG A 82 -9.43 21.47 -22.34
N GLN A 83 -9.68 22.39 -23.27
CA GLN A 83 -10.99 22.45 -23.90
C GLN A 83 -11.22 21.13 -24.62
N PHE A 84 -10.15 20.56 -25.14
CA PHE A 84 -10.26 19.30 -25.84
C PHE A 84 -10.63 18.18 -24.87
N LEU A 85 -9.89 18.08 -23.77
CA LEU A 85 -10.19 17.07 -22.75
C LEU A 85 -11.62 17.25 -22.23
N THR A 86 -12.11 18.48 -22.23
CA THR A 86 -13.47 18.73 -21.76
C THR A 86 -14.48 18.29 -22.80
N GLU A 87 -14.19 18.58 -24.07
CA GLU A 87 -15.11 18.20 -25.14
C GLU A 87 -15.33 16.70 -25.19
N ILE A 88 -14.27 15.92 -24.99
CA ILE A 88 -14.37 14.47 -25.14
C ILE A 88 -14.87 13.76 -23.88
N GLY A 89 -15.02 14.51 -22.79
CA GLY A 89 -15.54 13.93 -21.56
C GLY A 89 -14.47 13.34 -20.64
N TYR A 90 -13.22 13.72 -20.85
CA TYR A 90 -12.12 13.29 -19.99
C TYR A 90 -12.15 14.16 -18.72
N LEU A 91 -12.28 15.47 -18.94
CA LEU A 91 -12.30 16.46 -17.89
C LEU A 91 -13.75 16.83 -17.63
N LEU A 92 -14.27 16.44 -16.47
CA LEU A 92 -15.68 16.67 -16.16
C LEU A 92 -15.84 17.91 -15.30
N PRO A 93 -17.06 18.49 -15.26
CA PRO A 93 -17.25 19.67 -14.42
C PRO A 93 -17.03 19.35 -12.95
N GLU A 94 -16.46 20.30 -12.23
CA GLU A 94 -16.26 20.17 -10.80
C GLU A 94 -17.59 20.37 -10.08
N PRO A 95 -17.98 19.44 -9.21
CA PRO A 95 -19.24 19.59 -8.48
C PRO A 95 -19.10 20.67 -7.41
N ASP A 96 -20.22 21.10 -6.82
CA ASP A 96 -20.15 22.08 -5.75
C ASP A 96 -19.57 21.47 -4.49
N ASP A 97 -19.05 22.32 -3.62
CA ASP A 97 -18.56 21.93 -2.31
C ASP A 97 -19.52 20.99 -1.57
N PHE A 98 -18.95 20.01 -0.87
CA PHE A 98 -19.76 19.05 -0.13
C PHE A 98 -18.86 18.46 0.95
N THR A 99 -19.47 17.77 1.91
CA THR A 99 -18.73 17.09 2.96
C THR A 99 -19.12 15.61 2.92
N ILE A 100 -18.15 14.71 3.08
CA ILE A 100 -18.45 13.29 3.10
C ILE A 100 -19.31 12.94 4.31
N THR A 101 -20.14 11.90 4.17
CA THR A 101 -21.05 11.49 5.22
C THR A 101 -20.72 10.11 5.77
N THR A 102 -19.55 9.58 5.41
CA THR A 102 -19.20 8.20 5.76
C THR A 102 -19.29 7.91 7.27
N SER A 103 -20.09 6.92 7.66
CA SER A 103 -20.30 6.62 9.08
C SER A 103 -20.04 5.15 9.43
N GLY A 104 -19.89 4.86 10.72
CA GLY A 104 -19.58 3.51 11.15
C GLY A 104 -18.12 3.14 11.03
N VAL A 105 -17.24 4.14 11.09
CA VAL A 105 -15.80 3.92 10.83
C VAL A 105 -14.99 3.92 12.13
N ASP A 106 -13.97 3.07 12.19
CA ASP A 106 -13.18 2.92 13.40
C ASP A 106 -12.27 4.13 13.61
N ALA A 107 -11.88 4.37 14.86
CA ALA A 107 -11.01 5.49 15.23
C ALA A 107 -9.66 5.48 14.51
N GLU A 108 -9.13 4.28 14.21
CA GLU A 108 -7.83 4.15 13.55
C GLU A 108 -7.84 4.88 12.21
N ILE A 109 -9.02 4.92 11.60
CA ILE A 109 -9.19 5.56 10.31
C ILE A 109 -9.66 7.02 10.39
N THR A 110 -10.66 7.29 11.24
CA THR A 110 -11.23 8.63 11.29
C THR A 110 -10.29 9.64 11.96
N THR A 111 -9.50 9.16 12.92
CA THR A 111 -8.86 10.06 13.88
C THR A 111 -7.35 9.90 14.00
N THR A 112 -6.91 8.66 14.15
CA THR A 112 -5.48 8.40 14.35
C THR A 112 -4.66 8.63 13.08
N ALA A 113 -3.64 9.48 13.17
CA ALA A 113 -2.63 9.62 12.12
C ALA A 113 -1.42 8.71 12.40
N GLY A 114 -1.07 7.88 11.42
CA GLY A 114 0.07 6.99 11.59
C GLY A 114 0.32 6.12 10.36
N PRO A 115 1.38 5.31 10.41
CA PRO A 115 1.79 4.46 9.28
C PRO A 115 0.71 3.48 8.85
N GLN A 116 0.67 3.18 7.56
CA GLN A 116 -0.25 2.18 7.01
C GLN A 116 0.62 1.18 6.25
N LEU A 117 0.53 -0.08 6.63
CA LEU A 117 1.42 -1.13 6.16
C LEU A 117 0.72 -1.97 5.08
N VAL A 118 1.40 -2.21 3.96
CA VAL A 118 0.80 -2.97 2.87
C VAL A 118 1.61 -4.23 2.56
N VAL A 119 0.95 -5.39 2.55
CA VAL A 119 1.63 -6.65 2.35
C VAL A 119 0.83 -7.59 1.45
N PRO A 120 1.54 -8.51 0.77
CA PRO A 120 0.92 -9.51 -0.09
C PRO A 120 0.12 -10.54 0.70
N VAL A 121 -1.16 -10.67 0.38
CA VAL A 121 -2.05 -11.59 1.09
C VAL A 121 -1.75 -13.06 0.79
N LEU A 122 -1.01 -13.32 -0.28
CA LEU A 122 -0.62 -14.70 -0.59
C LEU A 122 0.45 -15.26 0.36
N ASN A 123 1.14 -14.35 1.05
CA ASN A 123 2.23 -14.73 1.96
C ASN A 123 1.78 -14.71 3.43
N ALA A 124 1.45 -15.89 3.96
CA ALA A 124 0.86 -16.00 5.28
C ALA A 124 1.74 -15.40 6.37
N ARG A 125 3.05 -15.65 6.26
CA ARG A 125 4.00 -15.13 7.25
C ARG A 125 4.01 -13.61 7.29
N PHE A 126 4.18 -12.99 6.13
CA PHE A 126 4.18 -11.54 6.04
C PHE A 126 2.86 -10.93 6.51
N ALA A 127 1.76 -11.57 6.13
CA ALA A 127 0.44 -11.09 6.52
C ALA A 127 0.28 -11.14 8.05
N LEU A 128 0.65 -12.27 8.66
CA LEU A 128 0.58 -12.40 10.11
C LEU A 128 1.49 -11.38 10.81
N ASN A 129 2.73 -11.25 10.35
CA ASN A 129 3.63 -10.23 10.89
C ASN A 129 3.10 -8.81 10.75
N ALA A 130 2.42 -8.54 9.63
CA ALA A 130 1.82 -7.23 9.41
C ALA A 130 0.66 -6.99 10.37
N ALA A 131 -0.19 -8.00 10.55
CA ALA A 131 -1.34 -7.86 11.45
C ALA A 131 -0.86 -7.60 12.88
N ASN A 132 0.27 -8.23 13.24
CA ASN A 132 0.87 -8.05 14.56
C ASN A 132 1.77 -6.79 14.67
N ALA A 133 1.81 -5.98 13.61
CA ALA A 133 2.75 -4.86 13.59
C ALA A 133 2.19 -3.57 14.20
N ARG A 134 1.00 -3.67 14.77
CA ARG A 134 0.41 -2.57 15.52
C ARG A 134 1.37 -2.06 16.60
N TRP A 135 2.13 -2.96 17.21
CA TRP A 135 3.16 -2.58 18.18
C TRP A 135 4.52 -3.14 17.79
N GLY A 136 5.55 -2.30 17.83
CA GLY A 136 6.86 -2.70 17.37
C GLY A 136 7.95 -2.11 18.23
N SER A 137 9.06 -2.85 18.32
CA SER A 137 10.21 -2.49 19.13
C SER A 137 11.06 -1.43 18.45
N LEU A 138 11.18 -0.27 19.08
CA LEU A 138 12.00 0.78 18.52
C LEU A 138 13.50 0.43 18.58
N TYR A 139 13.91 -0.27 19.64
CA TYR A 139 15.31 -0.70 19.76
C TYR A 139 15.68 -1.64 18.62
N ASP A 140 14.82 -2.63 18.32
CA ASP A 140 15.10 -3.57 17.24
C ASP A 140 15.22 -2.83 15.91
N ALA A 141 14.30 -1.90 15.68
CA ALA A 141 14.25 -1.14 14.44
C ALA A 141 15.48 -0.24 14.28
N LEU A 142 16.01 0.27 15.39
CA LEU A 142 17.19 1.13 15.34
C LEU A 142 18.50 0.34 15.25
N TYR A 143 18.63 -0.69 16.08
CA TYR A 143 19.84 -1.51 16.08
C TYR A 143 19.94 -2.27 14.76
N GLY A 144 18.80 -2.77 14.29
CA GLY A 144 18.76 -3.62 13.11
C GLY A 144 18.91 -2.95 11.76
N THR A 145 18.84 -1.62 11.73
CA THR A 145 18.91 -0.88 10.46
C THR A 145 19.99 0.17 10.48
N ASP A 146 20.16 0.86 9.37
CA ASP A 146 21.18 1.92 9.27
C ASP A 146 20.75 3.25 9.88
N VAL A 147 19.61 3.31 10.55
CA VAL A 147 19.22 4.54 11.25
C VAL A 147 20.30 4.95 12.26
N ILE A 148 20.86 3.97 12.95
CA ILE A 148 22.14 4.16 13.65
C ILE A 148 23.21 3.72 12.67
N PRO A 149 24.07 4.65 12.25
CA PRO A 149 25.11 4.36 11.25
C PRO A 149 26.03 3.22 11.67
N GLU A 150 26.34 2.32 10.74
CA GLU A 150 27.29 1.24 10.99
C GLU A 150 28.74 1.71 10.80
N THR A 151 29.10 2.78 11.47
CA THR A 151 30.44 3.33 11.38
C THR A 151 31.38 2.46 12.22
N ASP A 152 32.68 2.73 12.13
CA ASP A 152 33.68 1.96 12.86
C ASP A 152 33.38 1.89 14.35
N GLY A 153 33.36 0.69 14.90
CA GLY A 153 33.05 0.49 16.31
C GLY A 153 31.59 0.14 16.58
N ALA A 154 30.69 0.62 15.73
CA ALA A 154 29.26 0.43 15.96
C ALA A 154 28.61 -0.53 14.97
N GLU A 155 29.40 -1.39 14.35
CA GLU A 155 28.85 -2.29 13.34
C GLU A 155 28.16 -3.47 13.99
N LYS A 156 27.27 -4.10 13.24
CA LYS A 156 26.56 -5.28 13.71
C LYS A 156 27.42 -6.52 13.49
N GLY A 157 27.47 -7.37 14.50
CA GLY A 157 28.24 -8.60 14.41
C GLY A 157 27.39 -9.83 14.68
N PRO A 158 28.03 -10.97 14.91
CA PRO A 158 27.30 -12.19 15.28
C PRO A 158 26.57 -12.00 16.61
N THR A 159 27.14 -11.19 17.49
CA THR A 159 26.55 -10.97 18.81
C THR A 159 26.37 -9.48 19.14
N TYR A 160 25.73 -9.22 20.28
CA TYR A 160 25.36 -7.87 20.69
C TYR A 160 26.54 -6.91 20.79
N ASN A 161 26.45 -5.78 20.09
CA ASN A 161 27.48 -4.75 20.12
C ASN A 161 27.07 -3.62 21.07
N LYS A 162 27.78 -3.53 22.18
CA LYS A 162 27.49 -2.57 23.25
C LYS A 162 27.55 -1.10 22.81
N VAL A 163 28.57 -0.76 22.05
CA VAL A 163 28.71 0.60 21.54
C VAL A 163 27.49 0.97 20.68
N ARG A 164 27.07 0.07 19.81
CA ARG A 164 25.90 0.33 18.96
C ARG A 164 24.62 0.41 19.81
N GLY A 165 24.50 -0.51 20.75
CA GLY A 165 23.35 -0.55 21.64
C GLY A 165 23.20 0.73 22.45
N ASP A 166 24.33 1.32 22.86
CA ASP A 166 24.29 2.59 23.55
C ASP A 166 23.81 3.75 22.67
N LYS A 167 24.14 3.73 21.37
CA LYS A 167 23.61 4.73 20.44
C LYS A 167 22.11 4.54 20.25
N VAL A 168 21.67 3.29 20.16
CA VAL A 168 20.26 2.97 20.09
C VAL A 168 19.55 3.60 21.26
N ILE A 169 20.05 3.30 22.47
CA ILE A 169 19.49 3.89 23.68
C ILE A 169 19.45 5.42 23.61
N ALA A 170 20.56 6.03 23.20
CA ALA A 170 20.64 7.48 23.15
C ALA A 170 19.61 8.08 22.19
N TYR A 171 19.49 7.49 21.02
CA TYR A 171 18.52 7.94 20.03
C TYR A 171 17.11 7.93 20.64
N ALA A 172 16.77 6.85 21.35
CA ALA A 172 15.44 6.71 21.91
C ALA A 172 15.14 7.71 23.03
N ARG A 173 16.15 7.95 23.86
CA ARG A 173 16.03 8.93 24.94
C ARG A 173 15.77 10.30 24.35
N LYS A 174 16.45 10.60 23.25
CA LYS A 174 16.20 11.87 22.57
C LYS A 174 14.77 11.96 22.01
N PHE A 175 14.29 10.87 21.41
CA PHE A 175 12.91 10.80 20.92
C PHE A 175 11.90 11.06 22.04
N LEU A 176 12.14 10.47 23.21
CA LEU A 176 11.30 10.69 24.36
C LEU A 176 11.28 12.17 24.78
N ASP A 177 12.45 12.81 24.83
CA ASP A 177 12.53 14.24 25.14
C ASP A 177 11.76 15.09 24.15
N ASP A 178 11.90 14.76 22.85
CA ASP A 178 11.18 15.47 21.80
C ASP A 178 9.67 15.24 21.92
N SER A 179 9.26 14.02 22.25
CA SER A 179 7.86 13.62 22.16
C SER A 179 7.02 13.83 23.41
N VAL A 180 7.57 13.52 24.58
CA VAL A 180 6.85 13.61 25.84
C VAL A 180 7.76 14.28 26.87
N PRO A 181 8.03 15.59 26.69
CA PRO A 181 9.05 16.27 27.48
C PRO A 181 8.80 16.24 29.00
N LEU A 182 9.88 16.19 29.77
CA LEU A 182 9.79 16.32 31.22
C LEU A 182 9.63 17.80 31.59
N SER A 183 9.14 18.08 32.80
CA SER A 183 9.07 19.47 33.27
C SER A 183 10.46 20.07 33.37
N SER A 184 11.44 19.24 33.71
CA SER A 184 12.83 19.65 33.72
C SER A 184 13.73 18.43 33.52
N GLY A 185 14.91 18.64 32.97
CA GLY A 185 15.82 17.53 32.75
C GLY A 185 15.43 16.71 31.52
N SER A 186 16.16 15.62 31.31
CA SER A 186 15.98 14.80 30.14
C SER A 186 15.83 13.34 30.53
N PHE A 187 15.14 12.56 29.69
CA PHE A 187 15.04 11.12 29.90
C PHE A 187 16.41 10.48 29.91
N GLY A 188 17.37 11.17 29.28
CA GLY A 188 18.74 10.70 29.24
C GLY A 188 19.33 10.41 30.61
N ASP A 189 18.87 11.16 31.60
CA ASP A 189 19.40 11.11 32.97
C ASP A 189 18.44 10.46 33.98
N ALA A 190 17.34 9.90 33.50
CA ALA A 190 16.39 9.23 34.38
C ALA A 190 17.01 8.01 35.07
N THR A 191 16.64 7.77 36.31
CA THR A 191 17.17 6.65 37.07
C THR A 191 16.04 5.72 37.45
N GLY A 192 14.81 6.20 37.34
CA GLY A 192 13.66 5.37 37.66
C GLY A 192 12.31 6.01 37.37
N PHE A 193 11.31 5.16 37.22
CA PHE A 193 9.95 5.61 36.95
C PHE A 193 9.00 5.04 38.00
N THR A 194 8.13 5.89 38.53
CA THR A 194 7.10 5.44 39.48
C THR A 194 5.81 6.20 39.24
N VAL A 195 4.72 5.68 39.80
CA VAL A 195 3.44 6.35 39.70
C VAL A 195 2.99 6.73 41.10
N GLN A 196 2.73 8.01 41.29
CA GLN A 196 2.31 8.50 42.60
C GLN A 196 1.11 9.43 42.43
N ASP A 197 0.01 9.09 43.08
CA ASP A 197 -1.21 9.89 43.03
C ASP A 197 -1.73 10.09 41.59
N GLY A 198 -1.56 9.06 40.76
CA GLY A 198 -2.02 9.10 39.38
C GLY A 198 -1.12 9.84 38.42
N GLN A 199 0.05 10.28 38.88
CA GLN A 199 0.98 11.01 38.03
C GLN A 199 2.29 10.25 37.83
N LEU A 200 2.86 10.34 36.64
CA LEU A 200 4.16 9.75 36.42
C LEU A 200 5.23 10.58 37.13
N VAL A 201 6.11 9.91 37.84
CA VAL A 201 7.22 10.56 38.52
C VAL A 201 8.51 9.97 38.00
N VAL A 202 9.35 10.83 37.44
CA VAL A 202 10.60 10.41 36.85
C VAL A 202 11.75 10.87 37.73
N ALA A 203 12.54 9.92 38.20
CA ALA A 203 13.67 10.22 39.08
C ALA A 203 14.88 10.62 38.26
N LEU A 204 15.49 11.75 38.64
CA LEU A 204 16.75 12.19 38.05
C LEU A 204 17.84 12.04 39.12
N PRO A 205 19.11 12.29 38.78
CA PRO A 205 20.12 12.05 39.82
C PRO A 205 20.01 13.00 41.02
N ASP A 206 19.48 14.21 40.80
CA ASP A 206 19.46 15.24 41.83
C ASP A 206 18.06 15.43 42.44
N LYS A 207 17.03 15.18 41.64
CA LYS A 207 15.65 15.41 42.03
C LYS A 207 14.73 14.52 41.20
N SER A 208 13.42 14.77 41.34
CA SER A 208 12.42 14.10 40.51
C SER A 208 11.55 15.09 39.76
N THR A 209 10.92 14.63 38.70
CA THR A 209 10.10 15.51 37.88
C THR A 209 8.93 14.76 37.27
N GLY A 210 7.91 15.52 36.86
CA GLY A 210 6.76 14.98 36.15
C GLY A 210 6.84 15.39 34.68
N LEU A 211 5.81 15.02 33.91
CA LEU A 211 5.77 15.38 32.50
C LEU A 211 5.44 16.85 32.38
N ALA A 212 5.98 17.53 31.37
CA ALA A 212 5.61 18.93 31.15
C ALA A 212 4.13 18.97 30.88
N ASN A 213 3.64 17.94 30.20
CA ASN A 213 2.21 17.73 30.02
C ASN A 213 1.76 16.38 30.59
N PRO A 214 1.27 16.39 31.84
CA PRO A 214 0.96 15.16 32.58
C PRO A 214 -0.15 14.35 31.91
N GLY A 215 -0.97 15.00 31.08
CA GLY A 215 -1.97 14.31 30.27
C GLY A 215 -1.39 13.33 29.25
N GLN A 216 -0.09 13.38 29.01
CA GLN A 216 0.54 12.42 28.12
C GLN A 216 0.85 11.09 28.80
N PHE A 217 0.66 11.04 30.11
CA PHE A 217 0.79 9.81 30.87
C PHE A 217 -0.48 8.98 30.65
N ALA A 218 -0.35 7.84 29.99
CA ALA A 218 -1.54 7.06 29.62
C ALA A 218 -1.81 5.85 30.50
N GLY A 219 -0.77 5.30 31.12
CA GLY A 219 -0.94 4.12 31.93
C GLY A 219 0.39 3.48 32.31
N TYR A 220 0.31 2.29 32.89
CA TYR A 220 1.49 1.54 33.29
C TYR A 220 1.13 0.07 33.53
N THR A 221 2.14 -0.76 33.73
CA THR A 221 1.95 -2.15 34.16
C THR A 221 2.88 -2.44 35.35
N GLY A 222 2.56 -3.48 36.12
CA GLY A 222 3.32 -3.80 37.30
C GLY A 222 2.97 -2.88 38.47
N ALA A 223 3.77 -2.92 39.53
CA ALA A 223 3.50 -2.11 40.72
C ALA A 223 3.74 -0.61 40.46
N ALA A 224 2.85 0.24 40.95
CA ALA A 224 3.01 1.70 40.77
C ALA A 224 4.35 2.20 41.29
N GLU A 225 4.86 1.56 42.35
CA GLU A 225 6.12 1.96 42.98
C GLU A 225 7.36 1.27 42.37
N SER A 226 7.13 0.27 41.51
CA SER A 226 8.20 -0.34 40.74
C SER A 226 7.63 -0.96 39.45
N PRO A 227 7.14 -0.10 38.53
CA PRO A 227 6.39 -0.59 37.36
C PRO A 227 7.25 -1.37 36.37
N THR A 228 6.60 -2.27 35.64
CA THR A 228 7.29 -3.08 34.64
C THR A 228 7.23 -2.34 33.30
N SER A 229 6.31 -1.39 33.19
CA SER A 229 6.29 -0.52 32.01
C SER A 229 5.51 0.74 32.29
N VAL A 230 5.87 1.79 31.57
CA VAL A 230 5.10 3.03 31.60
C VAL A 230 4.57 3.31 30.18
N LEU A 231 3.30 3.68 30.10
CA LEU A 231 2.65 3.93 28.83
C LEU A 231 2.41 5.43 28.67
N LEU A 232 2.83 5.97 27.53
CA LEU A 232 2.65 7.39 27.24
C LEU A 232 1.87 7.55 25.95
N ILE A 233 1.35 8.75 25.72
CA ILE A 233 0.64 9.01 24.49
C ILE A 233 1.04 10.38 23.93
N ASN A 234 1.16 10.47 22.62
CA ASN A 234 1.52 11.72 21.95
C ASN A 234 0.96 11.75 20.53
N HIS A 235 0.20 12.80 20.21
CA HIS A 235 -0.50 12.91 18.93
C HIS A 235 -1.39 11.71 18.63
N GLY A 236 -2.03 11.17 19.66
CA GLY A 236 -2.92 10.03 19.49
C GLY A 236 -2.24 8.67 19.44
N LEU A 237 -0.90 8.65 19.50
CA LEU A 237 -0.14 7.40 19.36
C LEU A 237 0.56 7.00 20.66
N HIS A 238 0.52 5.71 20.99
CA HIS A 238 1.09 5.25 22.25
C HIS A 238 2.59 4.91 22.19
N ILE A 239 3.27 5.21 23.29
CA ILE A 239 4.68 4.91 23.46
C ILE A 239 4.83 4.16 24.76
N GLU A 240 5.44 2.98 24.72
CA GLU A 240 5.58 2.19 25.95
C GLU A 240 7.02 1.98 26.33
N ILE A 241 7.38 2.38 27.55
CA ILE A 241 8.73 2.15 28.05
C ILE A 241 8.73 0.88 28.87
N LEU A 242 9.48 -0.12 28.44
CA LEU A 242 9.56 -1.39 29.16
C LEU A 242 10.72 -1.31 30.14
N ILE A 243 10.41 -1.54 31.42
CA ILE A 243 11.42 -1.51 32.46
C ILE A 243 11.80 -2.90 32.92
N ASP A 244 13.07 -3.24 32.79
CA ASP A 244 13.56 -4.58 33.14
C ASP A 244 15.08 -4.61 33.25
N PRO A 245 15.63 -4.33 34.43
CA PRO A 245 17.07 -4.24 34.66
C PRO A 245 17.76 -5.60 34.52
N GLU A 246 16.99 -6.67 34.54
CA GLU A 246 17.59 -7.99 34.38
C GLU A 246 17.39 -8.51 32.96
N SER A 247 17.62 -7.62 31.99
CA SER A 247 17.60 -8.00 30.59
C SER A 247 18.94 -7.57 30.02
N GLN A 248 19.33 -8.12 28.88
CA GLN A 248 20.66 -7.83 28.34
C GLN A 248 20.87 -6.34 28.06
N VAL A 249 19.81 -5.65 27.64
CA VAL A 249 19.89 -4.20 27.41
C VAL A 249 19.55 -3.40 28.67
N GLY A 250 18.55 -3.86 29.42
CA GLY A 250 18.14 -3.14 30.62
C GLY A 250 19.27 -3.05 31.63
N THR A 251 20.10 -4.09 31.70
CA THR A 251 21.16 -4.16 32.68
C THR A 251 22.22 -3.09 32.42
N THR A 252 22.33 -2.66 31.17
CA THR A 252 23.28 -1.62 30.83
C THR A 252 22.68 -0.23 31.02
N ASP A 253 21.37 -0.17 31.26
CA ASP A 253 20.64 1.10 31.20
C ASP A 253 20.53 1.81 32.55
N ARG A 254 20.65 3.14 32.52
CA ARG A 254 20.61 3.94 33.73
C ARG A 254 19.30 3.86 34.53
N ALA A 255 18.21 3.49 33.86
CA ALA A 255 16.93 3.37 34.54
C ALA A 255 16.40 1.94 34.43
N GLY A 256 17.24 1.05 33.92
CA GLY A 256 16.89 -0.34 33.75
C GLY A 256 15.95 -0.55 32.59
N VAL A 257 15.83 0.45 31.73
CA VAL A 257 14.92 0.41 30.59
C VAL A 257 15.35 -0.62 29.55
N LYS A 258 14.44 -1.51 29.21
CA LYS A 258 14.73 -2.60 28.28
C LYS A 258 14.48 -2.23 26.82
N ASP A 259 13.40 -1.48 26.57
CA ASP A 259 13.00 -1.17 25.20
C ASP A 259 11.98 -0.05 25.22
N VAL A 260 11.79 0.56 24.05
CA VAL A 260 10.71 1.50 23.83
C VAL A 260 9.86 0.90 22.74
N ILE A 261 8.61 0.58 23.05
CA ILE A 261 7.68 0.03 22.06
C ILE A 261 6.82 1.15 21.51
N LEU A 262 6.75 1.25 20.18
CA LEU A 262 5.88 2.24 19.55
C LEU A 262 4.67 1.57 18.93
N GLU A 263 3.51 2.20 19.08
CA GLU A 263 2.37 1.89 18.24
C GLU A 263 2.75 2.33 16.83
N SER A 264 2.73 1.41 15.88
CA SER A 264 3.35 1.60 14.57
C SER A 264 2.36 1.48 13.42
N ALA A 265 2.14 0.26 12.93
CA ALA A 265 1.19 0.05 11.84
C ALA A 265 -0.23 0.05 12.40
N ILE A 266 -0.85 1.23 12.40
CA ILE A 266 -2.19 1.44 12.92
C ILE A 266 -3.19 0.65 12.09
N THR A 267 -2.99 0.70 10.78
CA THR A 267 -3.81 -0.06 9.84
C THR A 267 -2.90 -0.85 8.90
N THR A 268 -3.45 -1.90 8.33
CA THR A 268 -2.75 -2.74 7.38
C THR A 268 -3.66 -3.04 6.19
N ILE A 269 -3.07 -3.06 5.01
CA ILE A 269 -3.79 -3.41 3.80
C ILE A 269 -3.30 -4.77 3.32
N MET A 270 -4.20 -5.75 3.37
CA MET A 270 -3.95 -7.09 2.86
C MET A 270 -4.25 -7.08 1.37
N ASP A 271 -3.21 -7.27 0.57
CA ASP A 271 -3.25 -6.90 -0.86
C ASP A 271 -3.46 -8.11 -1.76
N PHE A 272 -4.55 -8.07 -2.53
CA PHE A 272 -4.81 -9.07 -3.55
C PHE A 272 -4.37 -8.58 -4.93
N GLU A 273 -3.88 -7.36 -5.01
CA GLU A 273 -3.59 -6.76 -6.31
C GLU A 273 -2.09 -6.72 -6.64
N ASP A 274 -1.51 -5.53 -6.76
CA ASP A 274 -0.20 -5.38 -7.39
C ASP A 274 0.99 -6.06 -6.68
N SER A 275 0.83 -6.44 -5.41
CA SER A 275 1.92 -7.12 -4.72
C SER A 275 1.81 -8.65 -4.72
N VAL A 276 0.82 -9.19 -5.43
CA VAL A 276 0.71 -10.64 -5.54
C VAL A 276 0.60 -11.12 -6.99
N ALA A 277 0.96 -12.38 -7.19
CA ALA A 277 0.80 -13.01 -8.50
C ALA A 277 -0.28 -14.07 -8.34
N ALA A 278 -1.47 -13.78 -8.84
CA ALA A 278 -2.59 -14.71 -8.73
C ALA A 278 -3.35 -14.79 -10.04
N VAL A 279 -3.18 -15.90 -10.77
CA VAL A 279 -3.60 -15.98 -12.17
C VAL A 279 -4.68 -17.03 -12.46
N ASP A 280 -5.10 -17.76 -11.43
CA ASP A 280 -6.13 -18.78 -11.60
C ASP A 280 -6.82 -19.06 -10.28
N ALA A 281 -7.75 -20.02 -10.30
CA ALA A 281 -8.53 -20.36 -9.11
C ALA A 281 -7.65 -20.77 -7.94
N ALA A 282 -6.60 -21.53 -8.21
CA ALA A 282 -5.75 -22.04 -7.13
C ALA A 282 -5.08 -20.88 -6.40
N ASP A 283 -4.63 -19.90 -7.17
CA ASP A 283 -3.93 -18.76 -6.60
C ASP A 283 -4.88 -17.90 -5.79
N LYS A 284 -6.09 -17.69 -6.32
CA LYS A 284 -7.10 -16.86 -5.65
C LYS A 284 -7.49 -17.52 -4.35
N VAL A 285 -7.65 -18.84 -4.38
CA VAL A 285 -8.06 -19.58 -3.19
C VAL A 285 -7.01 -19.50 -2.06
N LEU A 286 -5.73 -19.57 -2.40
CA LEU A 286 -4.68 -19.41 -1.40
C LEU A 286 -4.82 -18.04 -0.75
N GLY A 287 -5.06 -17.03 -1.57
CA GLY A 287 -5.23 -15.67 -1.07
C GLY A 287 -6.46 -15.55 -0.20
N TYR A 288 -7.60 -15.97 -0.73
CA TYR A 288 -8.85 -15.91 0.01
C TYR A 288 -8.75 -16.66 1.34
N ARG A 289 -8.10 -17.81 1.34
CA ARG A 289 -7.96 -18.59 2.58
C ARG A 289 -7.12 -17.86 3.66
N ASN A 290 -6.06 -17.20 3.24
CA ASN A 290 -5.29 -16.38 4.17
C ASN A 290 -6.12 -15.24 4.73
N TRP A 291 -6.88 -14.59 3.86
CA TRP A 291 -7.77 -13.49 4.27
C TRP A 291 -8.83 -14.01 5.27
N LEU A 292 -9.34 -15.21 5.03
CA LEU A 292 -10.25 -15.88 5.98
C LEU A 292 -9.60 -16.13 7.33
N GLY A 293 -8.39 -16.70 7.31
CA GLY A 293 -7.66 -16.98 8.54
C GLY A 293 -7.36 -15.72 9.37
N LEU A 294 -7.11 -14.61 8.69
CA LEU A 294 -6.87 -13.35 9.38
C LEU A 294 -8.15 -12.88 10.06
N ASN A 295 -9.25 -12.90 9.34
CA ASN A 295 -10.52 -12.44 9.89
C ASN A 295 -11.11 -13.32 10.98
N LYS A 296 -10.88 -14.64 10.89
CA LYS A 296 -11.36 -15.54 11.92
C LYS A 296 -10.40 -15.56 13.10
N GLY A 297 -9.19 -15.06 12.86
CA GLY A 297 -8.21 -14.94 13.91
C GLY A 297 -7.41 -16.21 14.10
N ASP A 298 -7.56 -17.17 13.18
CA ASP A 298 -6.92 -18.46 13.35
C ASP A 298 -5.79 -18.75 12.38
N LEU A 299 -5.38 -17.75 11.59
CA LEU A 299 -4.26 -17.94 10.67
C LEU A 299 -3.01 -18.30 11.46
N ALA A 300 -2.32 -19.35 11.03
CA ALA A 300 -1.11 -19.80 11.70
C ALA A 300 -0.01 -20.17 10.70
N ALA A 301 1.21 -19.74 10.99
CA ALA A 301 2.36 -19.92 10.09
C ALA A 301 2.65 -21.36 9.71
N ARG A 312 3.73 -17.12 13.31
CA ARG A 312 3.09 -18.02 14.27
C ARG A 312 1.60 -17.80 14.39
N VAL A 313 1.20 -16.92 15.31
CA VAL A 313 -0.22 -16.61 15.55
C VAL A 313 -0.50 -15.11 15.76
N LEU A 314 -1.78 -14.74 15.75
CA LEU A 314 -2.18 -13.34 15.92
C LEU A 314 -2.14 -12.93 17.38
N ASN A 315 -1.83 -11.66 17.63
CA ASN A 315 -1.72 -11.15 19.00
C ASN A 315 -3.07 -10.80 19.60
N ARG A 316 -3.16 -10.86 20.94
CA ARG A 316 -4.36 -10.41 21.64
C ARG A 316 -4.16 -8.95 22.01
N ASP A 317 -5.23 -8.33 22.51
CA ASP A 317 -5.11 -6.95 22.98
C ASP A 317 -4.19 -6.86 24.19
N ARG A 318 -3.72 -5.64 24.47
CA ARG A 318 -2.76 -5.37 25.52
C ARG A 318 -3.40 -4.74 26.76
N ASN A 319 -3.17 -5.34 27.92
CA ASN A 319 -3.71 -4.86 29.20
C ASN A 319 -2.84 -3.83 29.90
N TYR A 320 -3.47 -2.83 30.48
CA TYR A 320 -2.78 -1.75 31.16
C TYR A 320 -3.51 -1.34 32.43
N THR A 321 -2.79 -0.67 33.32
CA THR A 321 -3.43 0.00 34.44
C THR A 321 -3.49 1.49 34.10
N ALA A 322 -4.68 2.08 34.25
CA ALA A 322 -4.89 3.52 34.05
C ALA A 322 -4.17 4.32 35.13
N PRO A 323 -3.81 5.59 34.84
CA PRO A 323 -3.05 6.39 35.82
C PRO A 323 -3.66 6.38 37.23
N GLY A 324 -4.98 6.47 37.32
CA GLY A 324 -5.66 6.47 38.60
C GLY A 324 -5.77 5.12 39.27
N GLY A 325 -5.61 4.05 38.50
CA GLY A 325 -5.56 2.73 39.09
C GLY A 325 -6.49 1.70 38.47
N GLY A 326 -7.43 2.16 37.66
CA GLY A 326 -8.35 1.26 36.95
C GLY A 326 -7.69 0.48 35.81
N GLN A 327 -8.45 -0.40 35.16
CA GLN A 327 -7.91 -1.27 34.11
C GLN A 327 -8.48 -0.90 32.75
N PHE A 328 -7.65 -1.06 31.72
CA PHE A 328 -8.12 -0.86 30.35
C PHE A 328 -7.28 -1.64 29.36
N THR A 329 -7.74 -1.64 28.13
CA THR A 329 -7.16 -2.44 27.07
C THR A 329 -6.90 -1.58 25.85
N LEU A 330 -5.81 -1.87 25.15
CA LEU A 330 -5.55 -1.29 23.83
C LEU A 330 -5.45 -2.40 22.77
N PRO A 331 -5.88 -2.12 21.53
CA PRO A 331 -5.82 -3.10 20.44
C PRO A 331 -4.41 -3.64 20.21
N GLY A 332 -4.26 -4.94 20.04
CA GLY A 332 -2.97 -5.53 19.78
C GLY A 332 -2.73 -5.79 18.30
N ARG A 333 -3.75 -5.53 17.49
CA ARG A 333 -3.69 -5.83 16.06
C ARG A 333 -3.86 -4.57 15.25
N SER A 334 -3.23 -4.58 14.08
CA SER A 334 -3.44 -3.57 13.06
C SER A 334 -4.85 -3.77 12.50
N LEU A 335 -5.62 -2.69 12.41
CA LEU A 335 -6.92 -2.75 11.74
C LEU A 335 -6.75 -3.02 10.23
N MET A 336 -7.45 -4.03 9.73
CA MET A 336 -7.22 -4.53 8.36
C MET A 336 -8.15 -3.99 7.28
N PHE A 337 -7.54 -3.55 6.17
CA PHE A 337 -8.23 -3.34 4.90
C PHE A 337 -7.91 -4.55 4.03
N VAL A 338 -8.66 -4.70 2.94
CA VAL A 338 -8.22 -5.65 1.92
C VAL A 338 -8.21 -4.86 0.62
N ARG A 339 -7.17 -5.04 -0.19
CA ARG A 339 -7.17 -4.41 -1.51
C ARG A 339 -7.58 -5.43 -2.55
N ASN A 340 -8.78 -5.23 -3.12
CA ASN A 340 -9.30 -6.03 -4.22
C ASN A 340 -8.57 -5.62 -5.50
N VAL A 341 -8.68 -6.43 -6.57
CA VAL A 341 -8.22 -5.95 -7.87
C VAL A 341 -9.19 -4.92 -8.48
N GLY A 342 -8.69 -4.15 -9.44
CA GLY A 342 -9.48 -3.16 -10.16
C GLY A 342 -10.35 -3.71 -11.28
N HIS A 343 -10.84 -2.80 -12.11
CA HIS A 343 -11.87 -3.13 -13.09
C HIS A 343 -11.41 -3.94 -14.31
N LEU A 344 -10.10 -3.99 -14.57
CA LEU A 344 -9.62 -4.50 -15.85
C LEU A 344 -9.78 -6.01 -16.07
N MET A 345 -9.17 -6.80 -15.19
CA MET A 345 -8.85 -8.17 -15.51
C MET A 345 -10.02 -9.13 -15.28
N THR A 346 -10.00 -10.20 -16.05
CA THR A 346 -10.88 -11.33 -15.83
C THR A 346 -10.01 -12.46 -15.28
N ASN A 347 -10.64 -13.46 -14.67
CA ASN A 347 -9.89 -14.58 -14.14
C ASN A 347 -10.69 -15.84 -14.42
N ASP A 348 -10.01 -16.94 -14.75
CA ASP A 348 -10.74 -18.14 -15.16
C ASP A 348 -11.26 -18.98 -13.99
N ALA A 349 -11.10 -18.45 -12.77
CA ALA A 349 -11.72 -19.08 -11.60
C ALA A 349 -13.23 -19.26 -11.82
N ILE A 350 -13.84 -18.37 -12.58
CA ILE A 350 -15.22 -18.58 -13.01
C ILE A 350 -15.29 -18.25 -14.47
N VAL A 351 -15.93 -19.11 -15.25
CA VAL A 351 -16.25 -18.78 -16.63
C VAL A 351 -17.75 -18.91 -16.85
N ASP A 352 -18.26 -18.27 -17.90
CA ASP A 352 -19.65 -18.46 -18.24
C ASP A 352 -19.79 -19.60 -19.26
N THR A 353 -21.01 -19.83 -19.70
CA THR A 353 -21.35 -20.89 -20.64
C THR A 353 -20.54 -20.82 -21.95
N ASP A 354 -20.20 -19.61 -22.36
CA ASP A 354 -19.41 -19.42 -23.58
C ASP A 354 -17.93 -19.71 -23.36
N GLY A 355 -17.53 -19.90 -22.11
CA GLY A 355 -16.12 -20.11 -21.78
C GLY A 355 -15.38 -18.81 -21.50
N SER A 356 -16.08 -17.68 -21.50
CA SER A 356 -15.42 -16.40 -21.25
C SER A 356 -15.26 -16.16 -19.74
N GLU A 357 -14.10 -15.62 -19.39
CA GLU A 357 -13.75 -15.46 -17.98
C GLU A 357 -14.58 -14.36 -17.35
N VAL A 358 -14.79 -14.47 -16.04
CA VAL A 358 -15.57 -13.49 -15.30
C VAL A 358 -14.65 -12.38 -14.79
N PHE A 359 -15.17 -11.15 -14.69
CA PHE A 359 -14.42 -10.02 -14.13
C PHE A 359 -13.98 -10.29 -12.69
N GLU A 360 -12.69 -10.11 -12.45
CA GLU A 360 -12.08 -10.48 -11.20
C GLU A 360 -12.43 -9.50 -10.08
N GLY A 361 -12.55 -8.22 -10.41
CA GLY A 361 -12.99 -7.21 -9.46
C GLY A 361 -14.37 -7.53 -8.89
N ILE A 362 -15.29 -7.95 -9.75
CA ILE A 362 -16.61 -8.35 -9.28
C ILE A 362 -16.49 -9.55 -8.33
N MET A 363 -15.72 -10.55 -8.72
CA MET A 363 -15.43 -11.67 -7.82
C MET A 363 -14.83 -11.27 -6.46
N ASP A 364 -13.79 -10.43 -6.47
CA ASP A 364 -13.14 -10.06 -5.19
C ASP A 364 -14.14 -9.43 -4.23
N ALA A 365 -15.00 -8.58 -4.75
CA ALA A 365 -15.95 -7.87 -3.90
C ALA A 365 -16.89 -8.88 -3.23
N LEU A 366 -17.38 -9.83 -4.00
CA LEU A 366 -18.20 -10.90 -3.44
C LEU A 366 -17.46 -11.75 -2.40
N PHE A 367 -16.28 -12.26 -2.75
CA PHE A 367 -15.59 -13.21 -1.89
C PHE A 367 -14.84 -12.56 -0.73
N THR A 368 -14.12 -11.46 -0.97
CA THR A 368 -13.44 -10.78 0.14
C THR A 368 -14.47 -10.16 1.08
N GLY A 369 -15.57 -9.64 0.53
CA GLY A 369 -16.66 -9.16 1.36
C GLY A 369 -17.26 -10.28 2.22
N LEU A 370 -17.60 -11.41 1.60
CA LEU A 370 -18.14 -12.54 2.35
C LEU A 370 -17.21 -12.93 3.49
N ILE A 371 -15.94 -13.13 3.15
CA ILE A 371 -14.95 -13.53 4.11
C ILE A 371 -14.83 -12.52 5.25
N ALA A 372 -14.92 -11.23 4.91
CA ALA A 372 -14.76 -10.16 5.91
C ALA A 372 -15.80 -10.20 7.04
N ILE A 373 -16.93 -10.84 6.80
CA ILE A 373 -17.96 -11.00 7.83
C ILE A 373 -17.42 -11.67 9.09
N HIS A 374 -16.45 -12.58 8.92
CA HIS A 374 -15.87 -13.24 10.08
C HIS A 374 -15.06 -12.29 10.97
N GLY A 375 -14.55 -11.20 10.40
CA GLY A 375 -13.77 -10.25 11.17
C GLY A 375 -14.68 -9.31 11.93
N LEU A 376 -15.98 -9.42 11.69
CA LEU A 376 -16.99 -8.62 12.37
C LEU A 376 -17.64 -9.38 13.52
N LYS A 377 -17.16 -10.60 13.78
CA LYS A 377 -17.71 -11.38 14.87
C LYS A 377 -16.62 -12.10 15.65
N ALA A 378 -17.01 -12.67 16.78
CA ALA A 378 -16.10 -13.34 17.71
C ALA A 378 -15.23 -14.39 17.03
N SER A 379 -13.92 -14.25 17.21
CA SER A 379 -12.99 -15.29 16.81
C SER A 379 -13.05 -16.46 17.79
N ASP A 380 -13.18 -17.68 17.27
CA ASP A 380 -13.13 -18.87 18.13
C ASP A 380 -11.70 -19.26 18.47
N GLY A 383 -11.66 -15.55 21.28
CA GLY A 383 -11.74 -14.27 21.94
C GLY A 383 -12.67 -13.28 21.25
N PRO A 384 -12.49 -11.97 21.54
CA PRO A 384 -13.24 -10.90 20.87
C PRO A 384 -13.05 -10.93 19.36
N LEU A 385 -13.94 -10.24 18.65
CA LEU A 385 -13.83 -10.14 17.20
C LEU A 385 -12.50 -9.51 16.80
N ILE A 386 -11.96 -9.98 15.68
CA ILE A 386 -10.64 -9.58 15.24
C ILE A 386 -10.58 -8.14 14.73
N ASN A 387 -11.50 -7.74 13.86
CA ASN A 387 -11.32 -6.51 13.07
C ASN A 387 -12.16 -5.29 13.46
N SER A 388 -13.22 -5.02 12.69
CA SER A 388 -13.97 -3.77 12.86
C SER A 388 -15.06 -3.84 13.92
N ARG A 389 -14.85 -3.16 15.04
CA ARG A 389 -15.86 -3.12 16.09
C ARG A 389 -17.06 -2.27 15.68
N THR A 390 -16.83 -1.30 14.81
CA THR A 390 -17.92 -0.43 14.35
C THR A 390 -18.75 -1.01 13.21
N GLY A 391 -18.35 -2.16 12.70
CA GLY A 391 -19.17 -2.88 11.73
C GLY A 391 -18.90 -2.60 10.26
N SER A 392 -17.74 -2.04 9.95
CA SER A 392 -17.38 -1.78 8.56
C SER A 392 -16.46 -2.83 7.95
N ILE A 393 -16.52 -2.94 6.63
CA ILE A 393 -15.57 -3.74 5.86
C ILE A 393 -14.83 -2.77 4.97
N TYR A 394 -13.51 -2.79 5.07
CA TYR A 394 -12.65 -1.78 4.43
C TYR A 394 -11.98 -2.32 3.19
N ILE A 395 -12.42 -1.87 2.03
CA ILE A 395 -11.90 -2.37 0.78
C ILE A 395 -11.18 -1.27 0.00
N VAL A 396 -9.89 -1.51 -0.31
CA VAL A 396 -9.17 -0.60 -1.21
C VAL A 396 -9.40 -0.97 -2.66
N LYS A 397 -9.81 0.01 -3.46
CA LYS A 397 -10.11 -0.19 -4.87
C LYS A 397 -9.08 0.53 -5.74
N PRO A 398 -8.27 -0.23 -6.47
CA PRO A 398 -7.20 0.41 -7.24
C PRO A 398 -7.56 0.72 -8.68
N LYS A 399 -6.73 1.54 -9.32
CA LYS A 399 -6.74 1.72 -10.78
C LYS A 399 -8.07 2.15 -11.37
N MET A 400 -8.86 2.92 -10.62
CA MET A 400 -10.08 3.45 -11.19
C MET A 400 -9.78 4.71 -11.99
N HIS A 401 -10.47 4.87 -13.11
CA HIS A 401 -10.34 6.08 -13.91
C HIS A 401 -11.61 6.88 -13.90
N GLY A 402 -11.69 7.91 -13.06
CA GLY A 402 -12.80 8.83 -13.09
C GLY A 402 -14.02 8.46 -12.25
N PRO A 403 -14.98 9.39 -12.11
CA PRO A 403 -16.15 9.28 -11.22
C PRO A 403 -17.18 8.22 -11.61
N ALA A 404 -17.37 7.96 -12.89
CA ALA A 404 -18.30 6.89 -13.29
C ALA A 404 -17.79 5.51 -12.85
N GLU A 405 -16.47 5.32 -12.86
CA GLU A 405 -15.87 4.07 -12.36
C GLU A 405 -15.95 3.93 -10.84
N VAL A 406 -15.85 5.06 -10.14
CA VAL A 406 -16.05 5.04 -8.69
C VAL A 406 -17.51 4.72 -8.36
N ALA A 407 -18.43 5.32 -9.12
CA ALA A 407 -19.86 5.07 -8.93
C ALA A 407 -20.17 3.61 -9.18
N PHE A 408 -19.55 3.04 -10.21
CA PHE A 408 -19.69 1.61 -10.50
C PHE A 408 -19.24 0.74 -9.33
N THR A 409 -18.12 1.11 -8.70
CA THR A 409 -17.62 0.33 -7.58
C THR A 409 -18.59 0.40 -6.40
N CYS A 410 -19.09 1.61 -6.13
CA CYS A 410 -20.09 1.79 -5.09
C CYS A 410 -21.32 0.94 -5.37
N GLU A 411 -21.77 0.93 -6.63
CA GLU A 411 -22.95 0.14 -6.96
C GLU A 411 -22.68 -1.36 -6.84
N LEU A 412 -21.47 -1.77 -7.22
CA LEU A 412 -21.05 -3.14 -7.01
C LEU A 412 -21.13 -3.52 -5.52
N PHE A 413 -20.59 -2.65 -4.67
CA PHE A 413 -20.58 -2.91 -3.23
C PHE A 413 -22.02 -2.95 -2.70
N SER A 414 -22.87 -2.09 -3.25
CA SER A 414 -24.27 -2.04 -2.84
C SER A 414 -24.91 -3.39 -3.11
N ARG A 415 -24.72 -3.91 -4.33
CA ARG A 415 -25.27 -5.20 -4.71
C ARG A 415 -24.75 -6.36 -3.85
N VAL A 416 -23.45 -6.33 -3.51
CA VAL A 416 -22.86 -7.38 -2.71
C VAL A 416 -23.44 -7.35 -1.30
N GLU A 417 -23.63 -6.15 -0.77
CA GLU A 417 -24.21 -5.97 0.55
C GLU A 417 -25.56 -6.66 0.61
N ASP A 418 -26.36 -6.51 -0.45
CA ASP A 418 -27.64 -7.19 -0.56
C ASP A 418 -27.50 -8.72 -0.59
N VAL A 419 -26.57 -9.23 -1.39
CA VAL A 419 -26.31 -10.65 -1.43
C VAL A 419 -25.89 -11.16 -0.04
N LEU A 420 -25.07 -10.37 0.63
CA LEU A 420 -24.48 -10.81 1.89
C LEU A 420 -25.38 -10.55 3.09
N GLY A 421 -26.45 -9.80 2.90
CA GLY A 421 -27.34 -9.45 4.00
C GLY A 421 -26.78 -8.38 4.93
N LEU A 422 -25.80 -7.62 4.44
CA LEU A 422 -25.23 -6.53 5.23
C LEU A 422 -26.03 -5.25 5.04
N PRO A 423 -26.03 -4.36 6.04
CA PRO A 423 -26.65 -3.06 5.87
C PRO A 423 -25.91 -2.27 4.80
N GLN A 424 -26.63 -1.44 4.05
CA GLN A 424 -26.02 -0.63 3.00
C GLN A 424 -24.89 0.22 3.59
N ASN A 425 -23.83 0.38 2.80
CA ASN A 425 -22.62 1.14 3.17
C ASN A 425 -21.72 0.48 4.20
N THR A 426 -21.91 -0.81 4.44
CA THR A 426 -21.01 -1.55 5.31
C THR A 426 -19.63 -1.59 4.66
N MET A 427 -19.61 -1.85 3.35
CA MET A 427 -18.39 -1.98 2.59
C MET A 427 -17.88 -0.59 2.22
N LYS A 428 -16.86 -0.15 2.92
CA LYS A 428 -16.24 1.16 2.70
C LYS A 428 -15.19 1.08 1.59
N ILE A 429 -14.83 2.24 1.05
CA ILE A 429 -13.88 2.24 -0.07
C ILE A 429 -12.69 3.15 0.19
N GLY A 430 -11.51 2.56 0.06
CA GLY A 430 -10.28 3.32 0.08
C GLY A 430 -9.98 3.57 -1.39
N ILE A 431 -10.12 4.81 -1.80
CA ILE A 431 -9.91 5.19 -3.20
C ILE A 431 -8.44 5.45 -3.49
N MET A 432 -7.83 4.64 -4.37
CA MET A 432 -6.50 4.99 -4.87
C MET A 432 -6.64 6.07 -5.93
N ASP A 433 -5.90 7.16 -5.74
CA ASP A 433 -5.78 8.20 -6.78
C ASP A 433 -4.46 7.87 -7.46
N GLU A 434 -4.55 7.06 -8.51
CA GLU A 434 -3.35 6.55 -9.14
C GLU A 434 -3.49 6.47 -10.65
N GLU A 435 -4.46 7.20 -11.20
CA GLU A 435 -4.72 7.27 -12.62
C GLU A 435 -5.07 8.71 -12.93
N ARG A 436 -4.59 9.23 -14.06
CA ARG A 436 -4.77 10.65 -14.36
C ARG A 436 -6.24 11.11 -14.42
N ARG A 437 -7.11 10.33 -15.06
CA ARG A 437 -8.52 10.72 -15.15
C ARG A 437 -9.23 10.80 -13.78
N THR A 438 -8.68 10.11 -12.79
CA THR A 438 -9.17 10.24 -11.42
C THR A 438 -8.59 11.49 -10.77
N THR A 439 -7.29 11.73 -10.98
CA THR A 439 -6.64 12.95 -10.48
C THR A 439 -7.35 14.24 -10.87
N VAL A 440 -7.59 14.44 -12.17
CA VAL A 440 -8.13 15.71 -12.63
C VAL A 440 -9.64 15.81 -12.44
N ASN A 441 -10.26 14.72 -11.98
CA ASN A 441 -11.66 14.74 -11.57
C ASN A 441 -11.82 14.27 -10.12
N LEU A 442 -10.84 14.57 -9.27
CA LEU A 442 -10.80 13.91 -7.96
C LEU A 442 -12.00 14.22 -7.07
N LYS A 443 -12.41 15.48 -7.05
CA LYS A 443 -13.53 15.93 -6.23
C LYS A 443 -14.80 15.17 -6.58
N ALA A 444 -15.06 14.99 -7.88
CA ALA A 444 -16.21 14.21 -8.34
C ALA A 444 -16.09 12.73 -7.97
N CYS A 445 -14.87 12.20 -7.96
CA CYS A 445 -14.62 10.82 -7.54
C CYS A 445 -14.94 10.63 -6.06
N ILE A 446 -14.52 11.56 -5.21
CA ILE A 446 -14.87 11.54 -3.80
C ILE A 446 -16.38 11.64 -3.61
N LYS A 447 -17.01 12.53 -4.37
CA LYS A 447 -18.45 12.74 -4.28
C LYS A 447 -19.23 11.49 -4.65
N ALA A 448 -18.75 10.77 -5.65
CA ALA A 448 -19.45 9.56 -6.08
C ALA A 448 -19.40 8.51 -4.99
N ALA A 449 -18.46 8.65 -4.06
CA ALA A 449 -18.33 7.69 -2.96
C ALA A 449 -18.52 8.38 -1.61
N ALA A 450 -19.27 9.47 -1.59
CA ALA A 450 -19.34 10.34 -0.40
C ALA A 450 -19.86 9.67 0.88
N ASP A 451 -20.61 8.57 0.73
CA ASP A 451 -21.07 7.83 1.90
C ASP A 451 -20.31 6.52 2.14
N ARG A 452 -19.26 6.27 1.35
CA ARG A 452 -18.48 5.04 1.53
C ARG A 452 -16.99 5.27 1.74
N VAL A 453 -16.50 6.45 1.34
CA VAL A 453 -15.05 6.67 1.29
C VAL A 453 -14.39 6.75 2.67
N VAL A 454 -13.32 5.98 2.86
CA VAL A 454 -12.56 6.04 4.12
C VAL A 454 -11.10 6.49 3.92
N PHE A 455 -10.64 6.49 2.67
CA PHE A 455 -9.42 7.21 2.33
C PHE A 455 -9.31 7.61 0.87
N ILE A 456 -8.38 8.53 0.61
CA ILE A 456 -7.84 8.70 -0.73
C ILE A 456 -6.35 8.53 -0.53
N ASN A 457 -5.68 8.01 -1.55
CA ASN A 457 -4.25 7.77 -1.42
C ASN A 457 -3.55 7.94 -2.77
N THR A 458 -2.44 8.65 -2.76
CA THR A 458 -1.70 8.88 -4.00
C THR A 458 -0.79 7.70 -4.31
N GLY A 459 -1.34 6.74 -5.07
CA GLY A 459 -0.53 5.64 -5.58
C GLY A 459 0.39 6.16 -6.68
N PHE A 460 1.52 6.75 -6.29
CA PHE A 460 2.32 7.54 -7.25
C PHE A 460 3.01 6.73 -8.38
N LEU A 461 3.32 5.47 -8.12
CA LEU A 461 3.96 4.66 -9.14
C LEU A 461 3.01 4.33 -10.31
N ASP A 462 1.82 3.83 -10.02
CA ASP A 462 0.81 3.59 -11.06
C ASP A 462 0.49 4.91 -11.77
N ARG A 463 0.44 6.00 -10.99
CA ARG A 463 0.05 7.30 -11.52
C ARG A 463 1.07 7.73 -12.58
N THR A 464 2.32 7.38 -12.33
CA THR A 464 3.39 7.71 -13.24
C THR A 464 3.28 6.88 -14.52
N GLY A 465 2.95 5.60 -14.37
CA GLY A 465 2.75 4.74 -15.51
C GLY A 465 1.65 5.28 -16.40
N ASP A 466 0.53 5.66 -15.77
CA ASP A 466 -0.62 6.20 -16.51
C ASP A 466 -0.28 7.54 -17.15
N GLU A 467 0.55 8.34 -16.48
CA GLU A 467 0.98 9.61 -17.07
C GLU A 467 1.75 9.36 -18.37
N ILE A 468 2.66 8.41 -18.36
CA ILE A 468 3.41 8.03 -19.56
C ILE A 468 2.51 7.50 -20.67
N HIS A 469 1.65 6.54 -20.34
CA HIS A 469 0.84 5.95 -21.40
C HIS A 469 -0.12 6.98 -22.02
N THR A 470 -0.75 7.78 -21.16
CA THR A 470 -1.74 8.74 -21.60
C THR A 470 -1.17 9.70 -22.63
N SER A 471 0.09 10.09 -22.42
CA SER A 471 0.73 11.04 -23.30
C SER A 471 1.82 10.39 -24.17
N MET A 472 1.70 9.08 -24.35
CA MET A 472 2.63 8.29 -25.14
C MET A 472 2.99 8.94 -26.47
N GLU A 473 1.99 9.49 -27.16
CA GLU A 473 2.18 10.03 -28.50
C GLU A 473 2.73 11.46 -28.55
N ALA A 474 2.77 12.13 -27.39
CA ALA A 474 3.26 13.52 -27.30
C ALA A 474 4.74 13.69 -27.60
N GLY A 475 5.55 12.73 -27.19
CA GLY A 475 6.99 12.84 -27.37
C GLY A 475 7.71 12.06 -26.28
N PRO A 476 9.04 12.11 -26.29
CA PRO A 476 9.87 11.39 -25.32
C PRO A 476 9.70 11.93 -23.91
N MET A 477 9.53 11.04 -22.93
CA MET A 477 9.36 11.43 -21.52
C MET A 477 10.71 11.54 -20.80
N VAL A 478 10.73 12.22 -19.66
CA VAL A 478 11.93 12.23 -18.80
C VAL A 478 12.25 10.84 -18.26
N ARG A 479 13.47 10.69 -17.74
CA ARG A 479 13.91 9.42 -17.18
C ARG A 479 13.08 9.05 -15.95
N LYS A 480 13.15 7.76 -15.57
CA LYS A 480 12.32 7.23 -14.50
C LYS A 480 12.55 7.90 -13.14
N GLY A 481 13.81 8.16 -12.81
CA GLY A 481 14.17 8.75 -11.53
C GLY A 481 13.91 10.25 -11.49
N THR A 482 13.62 10.82 -12.65
CA THR A 482 13.26 12.24 -12.76
C THR A 482 11.78 12.46 -12.47
N MET A 483 10.95 11.45 -12.77
CA MET A 483 9.51 11.56 -12.62
C MET A 483 9.04 12.02 -11.25
N LYS A 484 9.70 11.56 -10.19
CA LYS A 484 9.27 11.86 -8.83
C LYS A 484 9.39 13.34 -8.46
N SER A 485 10.08 14.12 -9.29
CA SER A 485 10.23 15.54 -8.99
C SER A 485 9.59 16.43 -10.05
N GLN A 486 8.90 15.81 -11.00
CA GLN A 486 8.24 16.56 -12.05
C GLN A 486 7.09 17.40 -11.52
N PRO A 487 6.86 18.57 -12.13
CA PRO A 487 5.74 19.44 -11.77
C PRO A 487 4.39 18.72 -11.64
N TRP A 488 4.06 17.84 -12.59
CA TRP A 488 2.74 17.20 -12.56
C TRP A 488 2.50 16.40 -11.27
N ILE A 489 3.52 15.65 -10.85
CA ILE A 489 3.38 14.76 -9.71
C ILE A 489 3.34 15.55 -8.39
N LEU A 490 4.03 16.70 -8.35
CA LEU A 490 4.03 17.48 -7.13
C LEU A 490 2.70 18.21 -6.98
N ALA A 491 2.14 18.66 -8.10
CA ALA A 491 0.79 19.21 -8.10
C ALA A 491 -0.25 18.13 -7.74
N TYR A 492 -0.07 16.94 -8.31
CA TYR A 492 -0.95 15.81 -8.05
C TYR A 492 -1.00 15.47 -6.56
N GLU A 493 0.16 15.47 -5.90
CA GLU A 493 0.21 15.19 -4.46
C GLU A 493 -0.52 16.27 -3.63
N ASP A 494 -0.28 17.54 -3.96
CA ASP A 494 -0.92 18.66 -3.25
C ASP A 494 -2.43 18.71 -3.48
N HIS A 495 -2.81 18.57 -4.74
CA HIS A 495 -4.20 18.53 -5.15
C HIS A 495 -4.97 17.44 -4.41
N ASN A 496 -4.33 16.28 -4.19
CA ASN A 496 -4.99 15.17 -3.51
C ASN A 496 -5.35 15.54 -2.07
N VAL A 497 -4.37 16.06 -1.34
CA VAL A 497 -4.59 16.59 0.00
C VAL A 497 -5.67 17.68 0.06
N ASP A 498 -5.57 18.67 -0.83
CA ASP A 498 -6.55 19.75 -0.90
C ASP A 498 -7.97 19.22 -1.11
N ALA A 499 -8.14 18.29 -2.05
CA ALA A 499 -9.45 17.70 -2.34
C ALA A 499 -10.02 16.96 -1.13
N GLY A 500 -9.18 16.17 -0.47
CA GLY A 500 -9.61 15.46 0.73
C GLY A 500 -10.07 16.40 1.83
N LEU A 501 -9.25 17.39 2.16
CA LEU A 501 -9.53 18.32 3.27
C LEU A 501 -10.80 19.10 3.00
N ALA A 502 -10.95 19.55 1.76
CA ALA A 502 -12.12 20.29 1.31
C ALA A 502 -13.40 19.45 1.33
N ALA A 503 -13.26 18.12 1.29
CA ALA A 503 -14.44 17.26 1.37
C ALA A 503 -14.67 16.83 2.82
N GLY A 504 -13.91 17.41 3.74
CA GLY A 504 -14.12 17.19 5.17
C GLY A 504 -13.48 15.92 5.72
N PHE A 505 -12.40 15.48 5.10
CA PHE A 505 -11.72 14.26 5.55
C PHE A 505 -11.16 14.38 6.97
N SER A 506 -10.74 15.58 7.36
CA SER A 506 -10.15 15.78 8.67
C SER A 506 -11.15 15.32 9.75
N GLY A 507 -10.75 14.32 10.54
CA GLY A 507 -11.64 13.76 11.53
C GLY A 507 -12.59 12.70 11.00
N ARG A 508 -12.56 12.47 9.69
CA ARG A 508 -13.52 11.54 9.08
C ARG A 508 -12.90 10.41 8.23
N ALA A 509 -11.82 10.70 7.53
CA ALA A 509 -11.24 9.73 6.61
C ALA A 509 -9.78 10.02 6.44
N GLN A 510 -9.01 9.02 6.03
CA GLN A 510 -7.58 9.23 5.87
C GLN A 510 -7.20 9.94 4.58
N VAL A 511 -6.20 10.80 4.68
CA VAL A 511 -5.54 11.33 3.50
C VAL A 511 -4.16 10.68 3.43
N GLY A 512 -3.96 9.81 2.46
CA GLY A 512 -2.78 8.96 2.44
C GLY A 512 -1.80 9.28 1.33
N LYS A 513 -0.52 9.01 1.60
CA LYS A 513 0.49 9.08 0.56
C LYS A 513 1.21 7.75 0.39
N GLY A 514 2.12 7.67 -0.58
CA GLY A 514 2.62 6.39 -1.05
C GLY A 514 3.80 5.74 -0.36
N MET A 515 4.30 4.70 -1.01
CA MET A 515 5.21 3.74 -0.40
C MET A 515 6.66 4.17 -0.43
N TRP A 516 7.36 3.94 0.69
CA TRP A 516 8.82 3.99 0.72
C TRP A 516 9.36 2.63 0.33
N THR A 517 10.02 2.54 -0.82
CA THR A 517 10.42 1.24 -1.36
C THR A 517 11.86 0.80 -1.02
N MET A 518 12.69 1.71 -0.54
CA MET A 518 14.08 1.37 -0.26
C MET A 518 14.26 0.78 1.14
N THR A 519 14.12 -0.54 1.22
CA THR A 519 13.96 -1.23 2.49
C THR A 519 15.17 -1.22 3.39
N GLU A 520 16.35 -1.04 2.81
CA GLU A 520 17.57 -0.98 3.59
C GLU A 520 17.96 0.47 3.88
N LEU A 521 17.37 1.42 3.17
CA LEU A 521 17.74 2.81 3.38
C LEU A 521 16.86 3.50 4.44
N MET A 522 16.91 2.97 5.66
CA MET A 522 16.07 3.47 6.75
C MET A 522 16.49 4.82 7.31
N ALA A 523 17.79 5.10 7.37
CA ALA A 523 18.26 6.44 7.72
C ALA A 523 17.65 7.48 6.78
N ASP A 524 17.64 7.18 5.48
CA ASP A 524 17.08 8.08 4.49
C ASP A 524 15.57 8.21 4.65
N MET A 525 14.90 7.10 4.96
CA MET A 525 13.46 7.15 5.15
C MET A 525 13.14 8.07 6.31
N VAL A 526 13.84 7.86 7.43
CA VAL A 526 13.61 8.68 8.61
C VAL A 526 13.86 10.15 8.31
N GLU A 527 14.92 10.42 7.53
CA GLU A 527 15.26 11.80 7.18
C GLU A 527 14.25 12.45 6.23
N THR A 528 13.75 11.72 5.24
CA THR A 528 12.98 12.35 4.17
C THR A 528 11.45 12.13 4.21
N LYS A 529 10.99 10.96 4.64
CA LYS A 529 9.57 10.63 4.58
C LYS A 529 8.69 11.47 5.52
N ILE A 530 9.33 12.15 6.49
CA ILE A 530 8.65 13.15 7.31
C ILE A 530 7.93 14.18 6.45
N ALA A 531 8.32 14.30 5.19
CA ALA A 531 7.69 15.25 4.28
C ALA A 531 6.20 14.96 4.06
N GLN A 532 5.80 13.69 4.19
CA GLN A 532 4.43 13.31 3.90
C GLN A 532 3.44 13.75 4.99
N PRO A 533 3.72 13.47 6.27
CA PRO A 533 2.81 14.07 7.25
C PRO A 533 2.99 15.61 7.36
N ARG A 534 4.15 16.16 6.99
CA ARG A 534 4.27 17.63 6.93
C ARG A 534 3.36 18.22 5.88
N ALA A 535 3.05 17.42 4.85
CA ALA A 535 2.17 17.83 3.77
C ALA A 535 0.68 17.60 4.09
N GLY A 536 0.40 17.15 5.31
CA GLY A 536 -0.97 16.97 5.75
C GLY A 536 -1.51 15.56 5.57
N ALA A 537 -0.66 14.61 5.23
CA ALA A 537 -1.11 13.22 5.09
C ALA A 537 -1.31 12.55 6.45
N SER A 538 -2.52 12.08 6.73
CA SER A 538 -2.75 11.42 8.01
C SER A 538 -2.22 9.97 7.98
N THR A 539 -1.84 9.50 6.80
CA THR A 539 -1.18 8.21 6.71
C THR A 539 -0.27 8.10 5.50
N ALA A 540 0.66 7.15 5.56
CA ALA A 540 1.52 6.88 4.42
C ALA A 540 2.00 5.44 4.48
N TRP A 541 2.38 4.91 3.33
CA TRP A 541 2.64 3.48 3.23
C TRP A 541 4.06 3.08 3.55
N VAL A 542 4.19 1.92 4.20
CA VAL A 542 5.48 1.30 4.45
C VAL A 542 5.38 -0.18 4.06
N PRO A 543 6.52 -0.80 3.77
CA PRO A 543 6.51 -2.18 3.27
C PRO A 543 6.77 -3.23 4.34
N SER A 544 7.09 -2.82 5.55
CA SER A 544 7.47 -3.77 6.60
C SER A 544 7.14 -3.24 7.99
N PRO A 545 6.87 -4.16 8.94
CA PRO A 545 6.73 -3.80 10.35
C PRO A 545 7.86 -2.92 10.85
N THR A 546 9.09 -3.24 10.47
CA THR A 546 10.24 -2.43 10.85
C THR A 546 10.08 -1.00 10.38
N ALA A 547 9.77 -0.84 9.09
CA ALA A 547 9.55 0.48 8.52
C ALA A 547 8.38 1.22 9.15
N ALA A 548 7.36 0.48 9.59
CA ALA A 548 6.20 1.10 10.22
C ALA A 548 6.63 1.73 11.55
N THR A 549 7.50 1.05 12.28
CA THR A 549 7.97 1.55 13.57
C THR A 549 8.81 2.82 13.40
N LEU A 550 9.70 2.81 12.41
CA LEU A 550 10.50 3.99 12.12
C LEU A 550 9.67 5.16 11.59
N HIS A 551 8.75 4.89 10.67
CA HIS A 551 7.86 5.93 10.15
C HIS A 551 6.99 6.54 11.24
N ALA A 552 6.65 5.74 12.25
CA ALA A 552 5.86 6.20 13.39
C ALA A 552 6.49 7.43 14.05
N LEU A 553 7.83 7.48 14.03
CA LEU A 553 8.59 8.62 14.56
C LEU A 553 8.11 9.94 13.97
N HIS A 554 7.84 9.91 12.67
CA HIS A 554 7.41 11.12 11.96
C HIS A 554 6.11 11.70 12.51
N TYR A 555 5.20 10.83 12.97
CA TYR A 555 3.90 11.27 13.47
C TYR A 555 3.99 11.85 14.90
N HIS A 556 5.07 11.53 15.62
CA HIS A 556 5.35 12.18 16.89
C HIS A 556 5.98 13.55 16.69
N GLN A 557 6.78 13.70 15.63
CA GLN A 557 7.44 14.95 15.34
C GLN A 557 6.49 15.98 14.72
N VAL A 558 5.54 15.50 13.93
CA VAL A 558 4.63 16.36 13.19
C VAL A 558 3.19 16.20 13.66
N ASP A 559 2.55 17.31 13.99
CA ASP A 559 1.15 17.29 14.41
C ASP A 559 0.23 17.37 13.20
N VAL A 560 -0.15 16.22 12.67
CA VAL A 560 -0.90 16.15 11.42
C VAL A 560 -2.25 16.87 11.47
N ALA A 561 -2.97 16.70 12.58
CA ALA A 561 -4.25 17.39 12.77
C ALA A 561 -4.11 18.91 12.65
N ALA A 562 -3.04 19.46 13.21
CA ALA A 562 -2.78 20.89 13.13
C ALA A 562 -2.39 21.27 11.70
N VAL A 563 -1.56 20.43 11.07
CA VAL A 563 -1.17 20.69 9.69
C VAL A 563 -2.40 20.73 8.78
N GLN A 564 -3.31 19.78 8.94
CA GLN A 564 -4.51 19.74 8.11
C GLN A 564 -5.42 20.94 8.37
N GLN A 565 -5.56 21.33 9.62
CA GLN A 565 -6.35 22.50 9.97
C GLN A 565 -5.78 23.76 9.31
N GLY A 566 -4.46 23.80 9.16
CA GLY A 566 -3.80 24.97 8.59
C GLY A 566 -3.80 25.01 7.08
N LEU A 567 -4.11 23.88 6.44
CA LEU A 567 -4.19 23.82 5.00
C LEU A 567 -5.61 24.07 4.48
N ALA A 568 -6.58 24.13 5.39
CA ALA A 568 -7.99 24.25 5.03
C ALA A 568 -8.28 25.45 4.13
N GLY A 569 -9.06 25.22 3.07
CA GLY A 569 -9.45 26.27 2.14
C GLY A 569 -8.42 26.62 1.08
N LYS A 570 -7.19 26.13 1.26
CA LYS A 570 -6.13 26.44 0.32
C LYS A 570 -6.24 25.65 -0.98
N ARG A 571 -5.82 26.28 -2.07
CA ARG A 571 -5.81 25.64 -3.37
C ARG A 571 -4.40 25.78 -3.91
N ARG A 572 -3.60 24.73 -3.73
CA ARG A 572 -2.18 24.76 -4.00
C ARG A 572 -1.81 24.28 -5.39
N ALA A 573 -2.77 23.74 -6.12
CA ALA A 573 -2.48 23.23 -7.45
C ALA A 573 -3.59 23.58 -8.43
N THR A 574 -3.22 23.99 -9.64
CA THR A 574 -4.19 24.30 -10.67
C THR A 574 -4.32 23.13 -11.63
N ILE A 575 -5.41 23.13 -12.39
CA ILE A 575 -5.61 22.12 -13.42
C ILE A 575 -4.43 22.10 -14.41
N GLU A 576 -3.88 23.28 -14.71
CA GLU A 576 -2.76 23.40 -15.65
C GLU A 576 -1.53 22.64 -15.19
N GLN A 577 -1.18 22.83 -13.91
CA GLN A 577 -0.06 22.11 -13.32
C GLN A 577 -0.30 20.59 -13.33
N LEU A 578 -1.54 20.18 -13.04
CA LEU A 578 -1.86 18.74 -13.02
C LEU A 578 -1.64 18.14 -14.42
N LEU A 579 -2.00 18.93 -15.44
CA LEU A 579 -1.94 18.50 -16.83
C LEU A 579 -0.59 18.75 -17.53
N THR A 580 0.44 19.13 -16.76
CA THR A 580 1.75 19.41 -17.37
C THR A 580 2.50 18.12 -17.68
N ILE A 581 2.49 17.71 -18.94
CA ILE A 581 3.07 16.43 -19.37
C ILE A 581 4.61 16.37 -19.21
N PRO A 582 5.14 15.29 -18.63
CA PRO A 582 6.58 15.26 -18.37
C PRO A 582 7.44 14.97 -19.60
N LEU A 583 7.31 15.77 -20.66
CA LEU A 583 8.17 15.62 -21.85
C LEU A 583 9.59 16.05 -21.55
N ALA A 584 10.55 15.28 -22.06
CA ALA A 584 11.96 15.66 -21.99
C ALA A 584 12.20 16.89 -22.87
N LYS A 585 13.11 17.75 -22.43
CA LYS A 585 13.55 18.87 -23.25
C LYS A 585 14.43 18.39 -24.40
N GLU A 586 14.70 19.29 -25.33
CA GLU A 586 15.58 19.01 -26.47
C GLU A 586 17.01 18.72 -26.00
N LEU A 587 17.62 17.67 -26.55
CA LEU A 587 18.98 17.25 -26.19
C LEU A 587 19.17 17.13 -24.68
N ALA A 588 18.30 16.35 -24.03
CA ALA A 588 18.36 16.20 -22.59
C ALA A 588 19.50 15.28 -22.15
N TRP A 589 19.83 14.30 -22.98
CA TRP A 589 20.73 13.22 -22.55
C TRP A 589 21.92 12.95 -23.46
N ALA A 590 23.10 12.82 -22.85
CA ALA A 590 24.26 12.24 -23.52
C ALA A 590 23.99 10.77 -23.81
N PRO A 591 24.68 10.20 -24.80
CA PRO A 591 24.48 8.80 -25.17
C PRO A 591 24.68 7.83 -24.00
N ASP A 592 25.63 8.12 -23.12
CA ASP A 592 25.87 7.24 -21.98
C ASP A 592 24.75 7.30 -20.94
N GLU A 593 24.11 8.46 -20.81
CA GLU A 593 22.97 8.60 -19.93
C GLU A 593 21.75 7.81 -20.46
N ILE A 594 21.63 7.75 -21.79
CA ILE A 594 20.57 6.98 -22.42
C ILE A 594 20.75 5.49 -22.14
N ARG A 595 21.96 5.00 -22.36
CA ARG A 595 22.27 3.60 -22.13
C ARG A 595 22.01 3.22 -20.67
N GLU A 596 22.42 4.08 -19.78
CA GLU A 596 22.24 3.87 -18.37
C GLU A 596 20.76 3.72 -18.01
N GLU A 597 19.92 4.59 -18.54
CA GLU A 597 18.48 4.54 -18.32
C GLU A 597 17.89 3.25 -18.92
N VAL A 598 18.30 2.91 -20.13
CA VAL A 598 17.86 1.66 -20.73
C VAL A 598 18.26 0.46 -19.84
N ASP A 599 19.51 0.42 -19.41
CA ASP A 599 19.96 -0.66 -18.51
C ASP A 599 19.16 -0.67 -17.21
N ASN A 600 18.98 0.51 -16.63
CA ASN A 600 18.18 0.64 -15.41
C ASN A 600 16.80 0.03 -15.56
N ASN A 601 16.10 0.38 -16.64
CA ASN A 601 14.76 -0.10 -16.85
C ASN A 601 14.67 -1.58 -17.20
N CYS A 602 15.60 -2.05 -18.03
CA CYS A 602 15.64 -3.47 -18.39
C CYS A 602 15.95 -4.33 -17.18
N GLN A 603 16.86 -3.86 -16.32
CA GLN A 603 17.19 -4.59 -15.12
C GLN A 603 15.99 -4.65 -14.17
N SER A 604 15.32 -3.51 -14.00
CA SER A 604 14.11 -3.42 -13.18
C SER A 604 13.03 -4.41 -13.66
N ILE A 605 12.79 -4.42 -14.97
CA ILE A 605 11.78 -5.31 -15.54
C ILE A 605 12.19 -6.78 -15.33
N LEU A 606 13.38 -7.14 -15.78
CA LEU A 606 13.88 -8.51 -15.60
C LEU A 606 13.88 -8.98 -14.15
N GLY A 607 14.43 -8.16 -13.26
CA GLY A 607 14.48 -8.50 -11.85
C GLY A 607 13.11 -8.81 -11.26
N TYR A 608 12.10 -8.05 -11.67
CA TYR A 608 10.76 -8.22 -11.12
C TYR A 608 10.07 -9.41 -11.79
N VAL A 609 10.11 -9.43 -13.11
CA VAL A 609 9.40 -10.43 -13.91
C VAL A 609 9.88 -11.86 -13.66
N VAL A 610 11.18 -12.03 -13.48
CA VAL A 610 11.70 -13.38 -13.25
C VAL A 610 11.09 -14.06 -11.99
N ARG A 611 10.95 -13.31 -10.90
CA ARG A 611 10.27 -13.83 -9.72
C ARG A 611 8.74 -13.98 -9.91
N TRP A 612 8.17 -13.07 -10.69
CA TRP A 612 6.72 -13.10 -10.93
C TRP A 612 6.35 -14.32 -11.77
N VAL A 613 6.97 -14.44 -12.94
CA VAL A 613 6.62 -15.52 -13.85
C VAL A 613 7.06 -16.91 -13.35
N ASP A 614 8.26 -16.98 -12.78
CA ASP A 614 8.86 -18.29 -12.44
C ASP A 614 8.46 -18.79 -11.07
N GLN A 615 8.18 -17.89 -10.13
CA GLN A 615 7.91 -18.30 -8.75
C GLN A 615 6.56 -17.84 -8.20
N GLY A 616 5.82 -17.06 -8.99
CA GLY A 616 4.57 -16.54 -8.54
C GLY A 616 4.71 -15.58 -7.38
N VAL A 617 5.83 -14.84 -7.36
CA VAL A 617 6.04 -13.83 -6.33
C VAL A 617 5.83 -12.42 -6.88
N GLY A 618 4.94 -11.67 -6.22
CA GLY A 618 4.52 -10.37 -6.70
C GLY A 618 5.18 -9.20 -5.99
N ALA A 619 5.78 -9.47 -4.83
CA ALA A 619 6.53 -8.45 -4.12
C ALA A 619 7.58 -9.10 -3.24
N SER A 620 8.75 -8.48 -3.18
CA SER A 620 9.92 -9.04 -2.53
C SER A 620 11.06 -8.02 -2.57
N LYS A 621 12.15 -8.31 -1.86
CA LYS A 621 13.31 -7.43 -1.85
C LYS A 621 14.16 -7.68 -3.09
N VAL A 622 14.01 -6.83 -4.10
CA VAL A 622 14.72 -6.99 -5.37
C VAL A 622 15.84 -5.97 -5.52
N PRO A 623 17.09 -6.45 -5.67
CA PRO A 623 18.20 -5.50 -5.85
C PRO A 623 18.08 -4.78 -7.19
N ASP A 624 18.30 -3.47 -7.20
CA ASP A 624 18.24 -2.74 -8.46
C ASP A 624 19.59 -2.84 -9.18
N ILE A 625 19.81 -1.99 -10.17
CA ILE A 625 21.02 -2.07 -10.97
C ILE A 625 22.28 -1.70 -10.15
N HIS A 626 22.13 -0.78 -9.19
CA HIS A 626 23.23 -0.41 -8.30
C HIS A 626 23.20 -1.24 -7.04
N ASP A 627 22.43 -2.32 -7.10
CA ASP A 627 22.26 -3.25 -5.98
C ASP A 627 21.61 -2.65 -4.73
N VAL A 628 20.85 -1.57 -4.90
CA VAL A 628 20.01 -1.07 -3.81
C VAL A 628 18.79 -1.99 -3.71
N ALA A 629 18.46 -2.43 -2.49
CA ALA A 629 17.31 -3.31 -2.31
C ALA A 629 16.01 -2.52 -2.38
N LEU A 630 15.17 -2.87 -3.35
CA LEU A 630 13.87 -2.23 -3.53
C LEU A 630 12.73 -3.21 -3.26
N MET A 631 11.69 -2.70 -2.64
CA MET A 631 10.48 -3.47 -2.44
C MET A 631 9.37 -2.75 -3.14
N GLU A 632 9.16 -3.10 -4.40
CA GLU A 632 8.14 -2.46 -5.20
C GLU A 632 7.10 -3.49 -5.62
N ASP A 633 5.92 -3.02 -6.02
CA ASP A 633 4.94 -3.92 -6.59
C ASP A 633 4.94 -3.81 -8.12
N ARG A 634 3.90 -4.35 -8.73
CA ARG A 634 3.77 -4.42 -10.18
C ARG A 634 3.81 -3.04 -10.88
N ALA A 635 3.48 -1.98 -10.16
CA ALA A 635 3.51 -0.65 -10.75
C ALA A 635 4.89 -0.22 -11.26
N THR A 636 5.97 -0.68 -10.63
CA THR A 636 7.32 -0.35 -11.11
C THR A 636 7.55 -0.92 -12.51
N LEU A 637 6.93 -2.06 -12.78
CA LEU A 637 6.98 -2.70 -14.07
C LEU A 637 6.18 -1.92 -15.09
N ARG A 638 5.02 -1.40 -14.67
CA ARG A 638 4.21 -0.55 -15.53
C ARG A 638 5.01 0.69 -15.93
N ILE A 639 5.71 1.30 -14.98
CA ILE A 639 6.50 2.49 -15.32
C ILE A 639 7.63 2.16 -16.31
N SER A 640 8.48 1.20 -15.98
CA SER A 640 9.63 0.90 -16.83
C SER A 640 9.27 0.41 -18.24
N SER A 641 8.29 -0.48 -18.32
CA SER A 641 7.85 -0.96 -19.62
C SER A 641 7.29 0.18 -20.46
N GLN A 642 6.52 1.07 -19.83
CA GLN A 642 5.95 2.19 -20.57
C GLN A 642 7.01 3.22 -20.95
N LEU A 643 8.00 3.42 -20.08
CA LEU A 643 9.04 4.38 -20.39
C LEU A 643 9.89 3.89 -21.57
N LEU A 644 10.26 2.61 -21.58
CA LEU A 644 11.02 2.07 -22.71
C LEU A 644 10.18 2.06 -24.01
N ALA A 645 8.91 1.71 -23.89
CA ALA A 645 8.01 1.78 -25.04
C ALA A 645 7.96 3.19 -25.59
N ASN A 646 7.89 4.18 -24.68
CA ASN A 646 7.89 5.57 -25.08
C ASN A 646 9.19 6.04 -25.75
N TRP A 647 10.33 5.59 -25.25
CA TRP A 647 11.58 5.95 -25.89
C TRP A 647 11.76 5.26 -27.26
N LEU A 648 11.32 4.01 -27.36
CA LEU A 648 11.36 3.28 -28.63
C LEU A 648 10.40 3.96 -29.63
N ARG A 649 9.25 4.39 -29.13
CA ARG A 649 8.23 5.01 -29.96
C ARG A 649 8.73 6.30 -30.64
N HIS A 650 9.59 7.05 -29.93
CA HIS A 650 10.01 8.35 -30.42
C HIS A 650 11.47 8.38 -30.85
N GLY A 651 12.07 7.21 -31.00
CA GLY A 651 13.38 7.13 -31.63
C GLY A 651 14.56 7.49 -30.75
N VAL A 652 14.37 7.50 -29.44
CA VAL A 652 15.46 7.77 -28.51
C VAL A 652 16.44 6.60 -28.50
N ILE A 653 15.89 5.38 -28.60
CA ILE A 653 16.67 4.15 -28.61
C ILE A 653 16.14 3.28 -29.75
N THR A 654 16.84 2.18 -30.05
CA THR A 654 16.38 1.30 -31.12
C THR A 654 15.99 -0.04 -30.52
N SER A 655 15.32 -0.88 -31.30
CA SER A 655 14.95 -2.20 -30.82
C SER A 655 16.20 -3.02 -30.50
N ALA A 656 17.30 -2.72 -31.17
CA ALA A 656 18.53 -3.45 -30.88
C ALA A 656 19.17 -2.97 -29.58
N ASP A 657 19.06 -1.67 -29.29
CA ASP A 657 19.44 -1.14 -27.98
C ASP A 657 18.71 -1.87 -26.86
N VAL A 658 17.40 -2.05 -27.02
CA VAL A 658 16.59 -2.78 -26.04
C VAL A 658 17.09 -4.20 -25.88
N ARG A 659 17.26 -4.89 -27.01
CA ARG A 659 17.71 -6.27 -27.03
C ARG A 659 19.03 -6.42 -26.28
N ALA A 660 19.99 -5.55 -26.61
CA ALA A 660 21.34 -5.61 -26.05
C ALA A 660 21.31 -5.39 -24.53
N SER A 661 20.53 -4.42 -24.10
CA SER A 661 20.40 -4.17 -22.67
C SER A 661 19.76 -5.35 -21.96
N LEU A 662 18.71 -5.94 -22.52
CA LEU A 662 18.09 -7.12 -21.91
C LEU A 662 19.13 -8.25 -21.79
N GLU A 663 19.90 -8.45 -22.85
CA GLU A 663 20.96 -9.47 -22.85
C GLU A 663 22.01 -9.17 -21.79
N ARG A 664 22.43 -7.92 -21.68
CA ARG A 664 23.41 -7.52 -20.69
C ARG A 664 22.89 -7.71 -19.26
N MET A 665 21.63 -7.33 -19.05
CA MET A 665 21.12 -7.27 -17.68
C MET A 665 20.73 -8.63 -17.13
N ALA A 666 20.31 -9.55 -18.00
CA ALA A 666 19.86 -10.88 -17.56
C ALA A 666 20.87 -11.70 -16.72
N PRO A 667 22.14 -11.82 -17.16
CA PRO A 667 23.06 -12.56 -16.29
C PRO A 667 23.27 -11.89 -14.95
N LEU A 668 23.19 -10.56 -14.93
CA LEU A 668 23.33 -9.81 -13.68
C LEU A 668 22.16 -10.15 -12.75
N VAL A 669 20.94 -10.07 -13.27
CA VAL A 669 19.78 -10.55 -12.53
C VAL A 669 19.96 -12.00 -12.10
N ASP A 670 20.51 -12.84 -12.98
CA ASP A 670 20.74 -14.25 -12.63
C ASP A 670 21.66 -14.35 -11.42
N ARG A 671 22.77 -13.64 -11.48
CA ARG A 671 23.72 -13.57 -10.37
C ARG A 671 23.05 -13.09 -9.09
N GLN A 672 22.35 -11.96 -9.18
CA GLN A 672 21.62 -11.38 -8.04
C GLN A 672 20.63 -12.34 -7.40
N ASN A 673 20.27 -13.41 -8.10
CA ASN A 673 19.35 -14.39 -7.55
C ASN A 673 20.03 -15.68 -7.11
N ALA A 674 21.35 -15.67 -7.01
CA ALA A 674 22.06 -16.80 -6.42
C ALA A 674 21.61 -16.94 -4.97
N GLY A 675 21.58 -18.15 -4.45
CA GLY A 675 21.09 -18.34 -3.10
C GLY A 675 19.58 -18.45 -3.09
N ASP A 676 18.99 -18.45 -4.29
CA ASP A 676 17.58 -18.75 -4.44
C ASP A 676 17.45 -20.18 -4.93
N VAL A 677 16.97 -21.04 -4.05
CA VAL A 677 16.90 -22.47 -4.31
C VAL A 677 16.17 -22.81 -5.61
N ALA A 678 15.03 -22.18 -5.84
CA ALA A 678 14.18 -22.52 -7.00
C ALA A 678 14.51 -21.72 -8.26
N TYR A 679 15.54 -20.87 -8.20
CA TYR A 679 15.84 -19.99 -9.33
C TYR A 679 16.42 -20.74 -10.53
N ARG A 680 15.94 -20.40 -11.71
CA ARG A 680 16.48 -20.93 -12.96
C ARG A 680 16.95 -19.77 -13.84
N PRO A 681 18.20 -19.84 -14.31
CA PRO A 681 18.82 -18.71 -15.01
C PRO A 681 18.13 -18.40 -16.34
N MET A 682 18.14 -17.15 -16.70
CA MET A 682 17.57 -16.73 -17.94
C MET A 682 18.65 -16.82 -19.03
N ALA A 683 19.86 -16.49 -18.65
CA ALA A 683 20.98 -16.55 -19.52
C ALA A 683 21.64 -17.91 -19.44
N PRO A 684 22.26 -18.47 -20.56
CA PRO A 684 22.27 -17.67 -21.79
C PRO A 684 21.26 -18.07 -22.82
N ASN A 685 20.37 -18.95 -22.45
CA ASN A 685 19.32 -19.46 -23.31
C ASN A 685 18.06 -18.58 -23.23
N PHE A 686 18.19 -17.33 -23.65
CA PHE A 686 17.12 -16.35 -23.47
C PHE A 686 15.75 -16.79 -23.95
N ASP A 687 15.65 -17.21 -25.20
CA ASP A 687 14.34 -17.52 -25.74
C ASP A 687 13.84 -18.91 -25.32
N ASP A 688 14.51 -19.49 -24.32
CA ASP A 688 14.04 -20.68 -23.61
C ASP A 688 13.31 -20.26 -22.34
N SER A 689 13.54 -19.02 -21.93
CA SER A 689 12.98 -18.53 -20.68
C SER A 689 11.71 -17.74 -20.91
N ILE A 690 10.60 -18.28 -20.42
CA ILE A 690 9.31 -17.61 -20.46
C ILE A 690 9.38 -16.26 -19.74
N ALA A 691 10.10 -16.22 -18.62
CA ALA A 691 10.28 -14.98 -17.88
C ALA A 691 10.93 -13.91 -18.75
N PHE A 692 12.01 -14.31 -19.43
CA PHE A 692 12.72 -13.40 -20.33
C PHE A 692 11.84 -12.92 -21.48
N LEU A 693 11.13 -13.85 -22.12
CA LEU A 693 10.19 -13.49 -23.19
C LEU A 693 9.09 -12.54 -22.70
N ALA A 694 8.63 -12.73 -21.48
CA ALA A 694 7.63 -11.85 -20.90
C ALA A 694 8.18 -10.43 -20.81
N ALA A 695 9.42 -10.30 -20.33
CA ALA A 695 10.05 -9.00 -20.17
C ALA A 695 10.14 -8.30 -21.51
N GLN A 696 10.53 -9.06 -22.52
CA GLN A 696 10.65 -8.55 -23.88
C GLN A 696 9.28 -8.10 -24.37
N GLU A 697 8.30 -8.98 -24.17
CA GLU A 697 6.94 -8.70 -24.63
C GLU A 697 6.37 -7.46 -23.94
N LEU A 698 6.63 -7.32 -22.65
CA LEU A 698 6.11 -6.16 -21.91
C LEU A 698 6.60 -4.85 -22.52
N ILE A 699 7.84 -4.82 -22.99
CA ILE A 699 8.39 -3.61 -23.59
C ILE A 699 7.87 -3.40 -25.01
N LEU A 700 7.90 -4.45 -25.82
CA LEU A 700 7.63 -4.32 -27.24
C LEU A 700 6.16 -4.17 -27.56
N SER A 701 5.30 -4.70 -26.69
CA SER A 701 3.86 -4.57 -26.83
C SER A 701 3.32 -3.52 -25.89
N GLY A 702 4.23 -2.91 -25.13
CA GLY A 702 3.87 -1.92 -24.14
C GLY A 702 2.94 -0.84 -24.64
N ALA A 703 3.25 -0.25 -25.79
CA ALA A 703 2.45 0.86 -26.29
C ALA A 703 1.01 0.45 -26.65
N GLN A 704 0.76 -0.85 -26.76
CA GLN A 704 -0.53 -1.34 -27.21
C GLN A 704 -1.39 -1.91 -26.07
N GLN A 705 -0.82 -2.00 -24.87
CA GLN A 705 -1.57 -2.46 -23.69
C GLN A 705 -2.51 -1.36 -23.20
N PRO A 706 -3.72 -1.74 -22.76
CA PRO A 706 -4.70 -0.71 -22.38
C PRO A 706 -4.20 0.06 -21.18
N ASN A 707 -4.04 1.37 -21.32
CA ASN A 707 -3.51 2.22 -20.25
C ASN A 707 -2.16 1.79 -19.71
N GLY A 708 -1.44 1.00 -20.51
CA GLY A 708 -0.11 0.57 -20.14
C GLY A 708 -0.11 -0.59 -19.17
N TYR A 709 -1.28 -1.18 -18.92
CA TYR A 709 -1.37 -2.22 -17.88
C TYR A 709 -0.53 -3.46 -18.23
N THR A 710 0.14 -4.02 -17.23
CA THR A 710 1.02 -5.16 -17.45
C THR A 710 0.36 -6.53 -17.18
N GLU A 711 -0.78 -6.55 -16.48
CA GLU A 711 -1.43 -7.83 -16.11
C GLU A 711 -1.80 -8.77 -17.28
N PRO A 712 -2.35 -8.23 -18.39
CA PRO A 712 -2.72 -9.16 -19.47
C PRO A 712 -1.54 -10.03 -19.94
N ILE A 713 -0.38 -9.41 -20.17
CA ILE A 713 0.81 -10.15 -20.56
C ILE A 713 1.36 -11.00 -19.41
N LEU A 714 1.48 -10.41 -18.22
CA LEU A 714 2.02 -11.10 -17.06
C LEU A 714 1.23 -12.34 -16.68
N HIS A 715 -0.10 -12.22 -16.68
CA HIS A 715 -0.95 -13.36 -16.35
C HIS A 715 -0.82 -14.49 -17.37
N ARG A 716 -0.80 -14.12 -18.64
CA ARG A 716 -0.68 -15.09 -19.71
C ARG A 716 0.64 -15.86 -19.56
N ARG A 717 1.71 -15.13 -19.32
CA ARG A 717 3.04 -15.73 -19.27
C ARG A 717 3.20 -16.64 -18.04
N ARG A 718 2.59 -16.23 -16.93
CA ARG A 718 2.67 -17.02 -15.70
C ARG A 718 1.86 -18.31 -15.88
N ARG A 719 0.71 -18.19 -16.52
CA ARG A 719 -0.10 -19.36 -16.84
C ARG A 719 0.66 -20.31 -17.77
N GLU A 720 1.38 -19.73 -18.73
CA GLU A 720 2.26 -20.51 -19.63
C GLU A 720 3.32 -21.26 -18.83
N PHE A 721 3.96 -20.56 -17.90
CA PHE A 721 4.98 -21.19 -17.07
C PHE A 721 4.42 -22.35 -16.23
N LYS A 722 3.27 -22.13 -15.59
CA LYS A 722 2.63 -23.17 -14.79
C LYS A 722 2.32 -24.42 -15.64
N ALA A 723 1.85 -24.20 -16.86
CA ALA A 723 1.43 -25.32 -17.71
C ALA A 723 2.64 -26.13 -18.19
N ARG A 724 3.74 -25.43 -18.47
CA ARG A 724 4.97 -26.14 -18.83
C ARG A 724 5.51 -26.91 -17.64
N ALA A 725 5.43 -26.32 -16.46
CA ALA A 725 5.93 -26.96 -15.25
C ALA A 725 5.13 -28.20 -14.84
N ALA A 726 3.88 -28.28 -15.29
CA ALA A 726 3.02 -29.41 -14.93
C ALA A 726 3.53 -30.71 -15.57
N GLU A 727 3.62 -30.73 -16.91
CA GLU A 727 4.22 -31.86 -17.61
C GLU A 727 5.73 -31.94 -17.34
MG MG B . -0.95 1.09 -7.62
MG MG C . 15.43 13.28 -17.41
MG MG D . 2.55 18.24 19.69
C10 4Z3 E . 5.14 -3.52 -1.27
O01 4Z3 E . -0.92 1.13 -5.64
N02 4Z3 E . 0.15 0.52 -4.98
C03 4Z3 E . 1.09 1.23 -4.55
C04 4Z3 E . 2.15 0.57 -3.66
O05 4Z3 E . 2.79 1.24 -2.93
N06 4Z3 E . 2.08 -0.89 -3.47
C07 4Z3 E . 3.09 -1.69 -2.74
C08 4Z3 E . 2.61 -2.86 -1.86
C09 4Z3 E . 3.61 -3.76 -1.12
C11 4Z3 E . 5.63 -2.35 -2.17
C12 4Z3 E . 4.63 -1.45 -2.91
BR13 4Z3 E . 5.32 -0.02 -4.06
#